data_3EPH
#
_entry.id   3EPH
#
_cell.length_a   162.463
_cell.length_b   211.596
_cell.length_c   125.518
_cell.angle_alpha   90.00
_cell.angle_beta   90.00
_cell.angle_gamma   90.00
#
_symmetry.space_group_name_H-M   'C 2 2 21'
#
loop_
_entity.id
_entity.type
_entity.pdbx_description
1 polymer 'tRNA isopentenyltransferase'
2 polymer tRNA
3 non-polymer 'ZINC ION'
4 non-polymer 'MAGNESIUM ION'
5 non-polymer PYROPHOSPHATE
6 water water
#
loop_
_entity_poly.entity_id
_entity_poly.type
_entity_poly.pdbx_seq_one_letter_code
_entity_poly.pdbx_strand_id
1 'polypeptide(L)'
;SKKVIVIAGTTGVGKSQLSIQLAQKFNGEVINSDSMQVYKDIPIITNKHPLQEREGIPHHVMNHVDWSEEYYSHRFETEC
MNAIEDIHRRGKIPIVVGGTHYYLQTLFNKRVDTKSSERKLTRKQLDILESTDPDVIYNTLVKCDPDIATKYHPNDYRRV
QRMLEIYYKTGKKPSETFNEQKITLKFDTLFLWLYSKPEPLFQRLDDRVDDMLERGALQEIKQLYEYYSQNKFTPEQCEN
GVWQVIGFKEFLPWLTGKTDDNTVKLEDCIERMKTRTRQYAKRQVKWIKKMLIPDIKGDIYLLDATDLSQWDTNASQRAI
AISNDFISNRPIKQERAPKALEELLSKGETTMKKLDDWTHYTCNVCRNADGKNVVAIGEKYWKIHLGSRRHKSNLKRNTR
QADFEKWKI
;
A,B
2 'polyribonucleotide' CUCGUAUGGCGCAGUGGUAGCGCAGCAGAUUGCAAAUCUGUUGGUCCUUAGUUCGAUCCUGAGUGCGAG E,F
#
# COMPACT_ATOMS: atom_id res chain seq x y z
N SER A 1 -11.44 -3.54 -9.15
CA SER A 1 -11.30 -4.99 -9.46
C SER A 1 -11.90 -5.85 -8.36
N LYS A 2 -11.73 -7.17 -8.48
CA LYS A 2 -12.26 -8.12 -7.49
C LYS A 2 -11.75 -7.90 -6.07
N LYS A 3 -12.64 -7.41 -5.22
CA LYS A 3 -12.32 -7.12 -3.83
C LYS A 3 -12.37 -8.35 -2.93
N VAL A 4 -11.69 -8.25 -1.78
CA VAL A 4 -11.62 -9.31 -0.79
C VAL A 4 -11.45 -8.67 0.57
N ILE A 5 -12.32 -8.96 1.51
CA ILE A 5 -12.21 -8.38 2.84
C ILE A 5 -11.62 -9.40 3.80
N VAL A 6 -10.72 -8.95 4.69
CA VAL A 6 -10.08 -9.84 5.65
C VAL A 6 -10.25 -9.26 7.05
N ILE A 7 -10.51 -10.13 8.01
CA ILE A 7 -10.69 -9.69 9.39
C ILE A 7 -9.67 -10.36 10.28
N ALA A 8 -8.77 -9.55 10.86
CA ALA A 8 -7.75 -10.08 11.75
C ALA A 8 -8.00 -9.62 13.18
N GLY A 9 -7.30 -10.27 14.10
CA GLY A 9 -7.44 -9.93 15.50
C GLY A 9 -7.08 -11.11 16.37
N THR A 10 -7.07 -10.89 17.68
CA THR A 10 -6.76 -11.94 18.64
C THR A 10 -8.00 -12.77 18.88
N THR A 11 -7.86 -13.81 19.70
CA THR A 11 -8.99 -14.68 20.02
C THR A 11 -10.04 -13.95 20.83
N GLY A 12 -11.28 -14.39 20.70
CA GLY A 12 -12.35 -13.77 21.47
C GLY A 12 -12.41 -12.27 21.37
N VAL A 13 -12.50 -11.77 20.14
CA VAL A 13 -12.62 -10.35 19.89
C VAL A 13 -13.88 -10.04 19.08
N GLY A 14 -14.51 -11.09 18.54
CA GLY A 14 -15.73 -10.92 17.78
C GLY A 14 -15.51 -10.96 16.29
N LYS A 15 -14.43 -11.61 15.89
CA LYS A 15 -14.12 -11.69 14.48
C LYS A 15 -15.24 -12.38 13.71
N SER A 16 -15.60 -13.58 14.14
CA SER A 16 -16.65 -14.34 13.48
C SER A 16 -17.94 -13.53 13.56
N GLN A 17 -18.26 -13.06 14.75
CA GLN A 17 -19.46 -12.27 14.98
C GLN A 17 -19.56 -11.13 13.96
N LEU A 18 -18.43 -10.45 13.72
CA LEU A 18 -18.38 -9.35 12.75
C LEU A 18 -18.48 -9.88 11.33
N SER A 19 -17.68 -10.90 11.03
CA SER A 19 -17.67 -11.47 9.68
C SER A 19 -19.06 -11.72 9.15
N ILE A 20 -19.95 -12.18 10.05
CA ILE A 20 -21.32 -12.49 9.66
C ILE A 20 -22.08 -11.23 9.28
N GLN A 21 -22.02 -10.22 10.15
CA GLN A 21 -22.71 -8.96 9.92
C GLN A 21 -22.34 -8.42 8.55
N LEU A 22 -21.04 -8.35 8.28
CA LEU A 22 -20.60 -7.84 6.99
C LEU A 22 -21.12 -8.70 5.86
N ALA A 23 -20.95 -10.02 5.98
CA ALA A 23 -21.41 -10.96 4.95
C ALA A 23 -22.86 -10.67 4.51
N GLN A 24 -23.74 -10.48 5.48
CA GLN A 24 -25.14 -10.19 5.17
C GLN A 24 -25.18 -8.85 4.46
N LYS A 25 -24.87 -7.80 5.22
CA LYS A 25 -24.88 -6.45 4.71
C LYS A 25 -24.27 -6.26 3.32
N PHE A 26 -23.18 -6.96 3.02
CA PHE A 26 -22.52 -6.79 1.72
C PHE A 26 -22.52 -7.99 0.79
N ASN A 27 -23.39 -8.95 1.07
CA ASN A 27 -23.50 -10.14 0.22
C ASN A 27 -22.15 -10.86 0.04
N GLY A 28 -21.69 -11.56 1.07
CA GLY A 28 -20.43 -12.26 0.93
C GLY A 28 -20.44 -13.58 1.66
N GLU A 29 -19.36 -14.35 1.52
CA GLU A 29 -19.24 -15.64 2.18
C GLU A 29 -17.95 -15.70 2.97
N VAL A 30 -18.01 -16.33 4.14
CA VAL A 30 -16.86 -16.44 5.02
C VAL A 30 -15.88 -17.54 4.62
N ILE A 31 -14.59 -17.28 4.85
CA ILE A 31 -13.54 -18.24 4.55
C ILE A 31 -12.71 -18.30 5.82
N ASN A 32 -12.71 -19.44 6.49
CA ASN A 32 -11.96 -19.61 7.71
C ASN A 32 -10.46 -19.69 7.45
N SER A 33 -9.66 -19.02 8.28
CA SER A 33 -8.21 -19.05 8.13
C SER A 33 -7.55 -19.55 9.42
N ASP A 34 -8.37 -20.09 10.32
CA ASP A 34 -7.87 -20.64 11.58
C ASP A 34 -7.29 -22.04 11.33
N SER A 35 -6.00 -22.20 11.57
CA SER A 35 -5.33 -23.48 11.32
C SER A 35 -5.90 -24.64 12.11
N MET A 36 -6.63 -24.36 13.17
CA MET A 36 -7.20 -25.45 13.93
C MET A 36 -8.66 -25.69 13.64
N GLN A 37 -9.37 -24.69 13.10
CA GLN A 37 -10.78 -24.88 12.79
C GLN A 37 -10.98 -25.61 11.49
N VAL A 38 -9.87 -25.98 10.84
CA VAL A 38 -9.95 -26.70 9.58
C VAL A 38 -10.15 -28.19 9.80
N TYR A 39 -10.08 -28.62 11.06
CA TYR A 39 -10.26 -30.04 11.38
C TYR A 39 -11.71 -30.41 11.61
N LYS A 40 -11.97 -31.71 11.54
CA LYS A 40 -13.31 -32.24 11.71
C LYS A 40 -13.80 -32.19 13.15
N ASP A 41 -15.08 -31.87 13.31
CA ASP A 41 -15.71 -31.81 14.61
C ASP A 41 -14.91 -31.01 15.62
N ILE A 42 -14.90 -31.49 16.86
CA ILE A 42 -14.18 -30.83 17.94
C ILE A 42 -14.43 -29.32 17.94
N PRO A 43 -15.70 -28.88 17.82
CA PRO A 43 -16.07 -27.46 17.78
C PRO A 43 -15.94 -26.65 19.07
N ILE A 44 -16.28 -27.23 20.21
CA ILE A 44 -16.19 -26.49 21.46
C ILE A 44 -14.80 -25.90 21.75
N ILE A 45 -13.78 -26.76 21.78
CA ILE A 45 -12.41 -26.32 22.08
C ILE A 45 -11.75 -25.58 20.92
N THR A 46 -12.10 -25.99 19.70
CA THR A 46 -11.54 -25.33 18.54
C THR A 46 -12.34 -24.05 18.25
N ASN A 47 -13.27 -23.74 19.14
CA ASN A 47 -14.15 -22.57 19.07
C ASN A 47 -14.70 -22.20 17.70
N LYS A 48 -15.42 -23.12 17.07
CA LYS A 48 -16.04 -22.85 15.77
C LYS A 48 -17.31 -22.07 16.04
N HIS A 49 -17.60 -21.10 15.18
CA HIS A 49 -18.79 -20.29 15.33
C HIS A 49 -19.98 -21.20 15.01
N PRO A 50 -20.93 -21.36 15.95
CA PRO A 50 -22.12 -22.19 15.80
C PRO A 50 -22.96 -21.87 14.56
N LEU A 51 -23.54 -22.89 13.94
CA LEU A 51 -24.34 -22.69 12.74
C LEU A 51 -25.55 -21.80 12.93
N GLN A 52 -26.31 -22.05 13.98
CA GLN A 52 -27.50 -21.24 14.21
C GLN A 52 -27.16 -19.80 14.52
N GLU A 53 -25.94 -19.40 14.17
CA GLU A 53 -25.48 -18.04 14.40
C GLU A 53 -24.71 -17.58 13.18
N ARG A 54 -24.92 -18.26 12.07
CA ARG A 54 -24.26 -17.90 10.83
C ARG A 54 -25.26 -17.36 9.83
N GLU A 55 -26.53 -17.22 10.24
CA GLU A 55 -27.56 -16.68 9.34
C GLU A 55 -27.52 -17.32 7.96
N GLY A 56 -27.05 -18.55 7.88
CA GLY A 56 -27.00 -19.22 6.59
C GLY A 56 -25.85 -18.77 5.72
N ILE A 57 -25.02 -17.86 6.22
CA ILE A 57 -23.88 -17.41 5.44
C ILE A 57 -22.91 -18.57 5.22
N PRO A 58 -22.57 -18.86 3.95
CA PRO A 58 -21.66 -19.94 3.55
C PRO A 58 -20.26 -19.83 4.17
N HIS A 59 -19.66 -20.94 4.52
CA HIS A 59 -18.33 -20.89 5.11
C HIS A 59 -17.43 -21.82 4.31
N HIS A 60 -16.16 -21.49 4.17
CA HIS A 60 -15.27 -22.35 3.39
C HIS A 60 -13.97 -22.67 4.14
N VAL A 61 -13.18 -23.60 3.59
CA VAL A 61 -11.91 -23.99 4.19
C VAL A 61 -12.02 -24.07 5.71
N MET A 62 -13.05 -24.74 6.18
CA MET A 62 -13.29 -24.89 7.59
C MET A 62 -13.97 -26.21 7.90
N ASN A 63 -13.39 -26.96 8.84
CA ASN A 63 -13.95 -28.25 9.23
C ASN A 63 -14.08 -29.20 8.04
N HIS A 64 -12.98 -29.82 7.66
CA HIS A 64 -12.99 -30.74 6.53
C HIS A 64 -11.74 -31.63 6.56
N VAL A 65 -10.80 -31.29 7.42
CA VAL A 65 -9.59 -32.07 7.50
C VAL A 65 -9.71 -33.18 8.54
N ASP A 66 -9.27 -34.39 8.16
CA ASP A 66 -9.32 -35.54 9.05
C ASP A 66 -8.19 -35.49 10.07
N TRP A 67 -8.48 -35.87 11.31
CA TRP A 67 -7.48 -35.85 12.37
C TRP A 67 -6.22 -36.60 11.99
N SER A 68 -6.29 -37.35 10.89
CA SER A 68 -5.15 -38.13 10.41
C SER A 68 -4.28 -37.33 9.45
N GLU A 69 -4.80 -36.19 9.01
CA GLU A 69 -4.07 -35.34 8.07
C GLU A 69 -3.32 -34.22 8.79
N GLU A 70 -2.41 -33.59 8.06
CA GLU A 70 -1.61 -32.50 8.58
C GLU A 70 -1.71 -31.28 7.69
N TYR A 71 -2.67 -30.40 8.00
CA TYR A 71 -2.90 -29.17 7.24
C TYR A 71 -1.65 -28.28 7.30
N TYR A 72 -1.52 -27.36 6.34
CA TYR A 72 -0.37 -26.45 6.30
C TYR A 72 -0.59 -25.28 5.34
N SER A 73 0.40 -24.38 5.21
CA SER A 73 0.32 -23.20 4.34
C SER A 73 -0.23 -23.44 2.95
N HIS A 74 0.54 -24.13 2.12
CA HIS A 74 0.09 -24.38 0.76
C HIS A 74 -1.30 -24.99 0.70
N ARG A 75 -1.56 -25.97 1.57
CA ARG A 75 -2.86 -26.62 1.63
C ARG A 75 -3.92 -25.53 1.76
N PHE A 76 -3.56 -24.46 2.48
CA PHE A 76 -4.47 -23.35 2.67
C PHE A 76 -4.47 -22.44 1.46
N GLU A 77 -3.29 -22.19 0.91
CA GLU A 77 -3.17 -21.34 -0.25
C GLU A 77 -4.07 -21.79 -1.39
N THR A 78 -4.04 -23.08 -1.69
CA THR A 78 -4.86 -23.64 -2.78
C THR A 78 -6.33 -23.63 -2.41
N GLU A 79 -6.64 -24.10 -1.22
CA GLU A 79 -8.03 -24.11 -0.75
C GLU A 79 -8.63 -22.70 -0.62
N CYS A 80 -7.90 -21.81 0.04
CA CYS A 80 -8.38 -20.46 0.21
C CYS A 80 -8.57 -19.78 -1.13
N MET A 81 -7.62 -20.04 -2.03
CA MET A 81 -7.65 -19.46 -3.36
C MET A 81 -8.87 -19.89 -4.15
N ASN A 82 -9.22 -21.17 -4.08
CA ASN A 82 -10.38 -21.68 -4.80
C ASN A 82 -11.64 -20.99 -4.29
N ALA A 83 -11.80 -20.96 -2.97
CA ALA A 83 -12.97 -20.32 -2.40
C ALA A 83 -13.12 -18.89 -2.94
N ILE A 84 -12.01 -18.16 -2.96
CA ILE A 84 -12.02 -16.78 -3.45
C ILE A 84 -12.59 -16.78 -4.85
N GLU A 85 -11.89 -17.47 -5.76
CA GLU A 85 -12.30 -17.55 -7.16
C GLU A 85 -13.78 -17.87 -7.27
N ASP A 86 -14.16 -18.97 -6.65
CA ASP A 86 -15.53 -19.45 -6.66
C ASP A 86 -16.51 -18.40 -6.18
N ILE A 87 -16.24 -17.82 -5.02
CA ILE A 87 -17.14 -16.83 -4.47
C ILE A 87 -17.26 -15.65 -5.43
N HIS A 88 -16.12 -15.21 -5.97
CA HIS A 88 -16.09 -14.08 -6.89
C HIS A 88 -16.90 -14.30 -8.16
N ARG A 89 -16.68 -15.42 -8.83
CA ARG A 89 -17.41 -15.68 -10.06
C ARG A 89 -18.90 -15.84 -9.83
N ARG A 90 -19.34 -15.65 -8.59
CA ARG A 90 -20.76 -15.76 -8.29
C ARG A 90 -21.29 -14.44 -7.80
N GLY A 91 -20.57 -13.36 -8.07
CA GLY A 91 -21.01 -12.04 -7.66
C GLY A 91 -20.96 -11.77 -6.17
N LYS A 92 -20.23 -12.61 -5.45
CA LYS A 92 -20.11 -12.47 -4.02
C LYS A 92 -18.73 -11.99 -3.59
N ILE A 93 -18.68 -11.41 -2.40
CA ILE A 93 -17.43 -10.90 -1.86
C ILE A 93 -16.92 -11.79 -0.73
N PRO A 94 -15.72 -12.36 -0.90
CA PRO A 94 -15.07 -13.25 0.09
C PRO A 94 -14.70 -12.52 1.38
N ILE A 95 -14.76 -13.23 2.50
CA ILE A 95 -14.41 -12.64 3.79
C ILE A 95 -13.61 -13.64 4.60
N VAL A 96 -12.28 -13.54 4.56
CA VAL A 96 -11.45 -14.47 5.29
C VAL A 96 -11.29 -14.05 6.76
N VAL A 97 -11.58 -14.96 7.67
CA VAL A 97 -11.50 -14.66 9.10
C VAL A 97 -10.70 -15.72 9.83
N GLY A 98 -9.83 -15.31 10.76
CA GLY A 98 -9.06 -16.29 11.49
C GLY A 98 -8.01 -15.68 12.40
N GLY A 99 -7.37 -16.52 13.21
CA GLY A 99 -6.34 -16.05 14.11
C GLY A 99 -4.97 -16.47 13.62
N THR A 100 -4.93 -17.36 12.62
CA THR A 100 -3.66 -17.81 12.08
C THR A 100 -3.25 -16.80 11.01
N HIS A 101 -2.79 -15.63 11.47
CA HIS A 101 -2.40 -14.57 10.56
C HIS A 101 -1.26 -14.96 9.65
N TYR A 102 -0.50 -15.97 10.06
CA TYR A 102 0.59 -16.48 9.25
C TYR A 102 0.11 -16.85 7.84
N TYR A 103 -1.03 -17.55 7.75
CA TYR A 103 -1.59 -17.99 6.46
C TYR A 103 -1.96 -16.83 5.54
N LEU A 104 -2.32 -15.71 6.15
CA LEU A 104 -2.67 -14.54 5.38
C LEU A 104 -1.57 -14.18 4.37
N GLN A 105 -0.35 -14.64 4.58
CA GLN A 105 0.73 -14.31 3.66
C GLN A 105 0.39 -14.72 2.23
N THR A 106 -0.47 -15.71 2.09
CA THR A 106 -0.86 -16.20 0.79
C THR A 106 -1.55 -15.12 -0.01
N LEU A 107 -2.19 -14.18 0.69
CA LEU A 107 -2.89 -13.09 0.05
C LEU A 107 -1.96 -12.12 -0.69
N PHE A 108 -0.65 -12.34 -0.57
CA PHE A 108 0.30 -11.46 -1.25
C PHE A 108 1.62 -12.14 -1.60
N ASN A 109 1.51 -13.33 -2.19
CA ASN A 109 2.65 -14.15 -2.64
C ASN A 109 3.85 -14.09 -1.72
N LYS A 110 3.68 -14.52 -0.47
CA LYS A 110 4.78 -14.48 0.47
C LYS A 110 5.19 -15.90 0.79
N ARG A 111 5.40 -16.70 -0.26
CA ARG A 111 5.79 -18.09 -0.08
C ARG A 111 6.65 -18.61 -1.23
N VAL A 112 7.04 -19.88 -1.15
CA VAL A 112 7.87 -20.48 -2.19
C VAL A 112 7.30 -21.80 -2.66
N ASP A 113 6.81 -21.82 -3.88
CA ASP A 113 6.24 -23.02 -4.46
C ASP A 113 7.36 -24.01 -4.78
N THR A 114 7.35 -25.13 -4.07
CA THR A 114 8.35 -26.17 -4.26
C THR A 114 7.72 -27.52 -4.60
N LYS A 115 6.43 -27.50 -4.93
CA LYS A 115 5.72 -28.71 -5.32
C LYS A 115 5.90 -28.93 -6.82
N SER A 116 5.56 -27.91 -7.62
CA SER A 116 5.69 -27.96 -9.08
C SER A 116 7.16 -28.05 -9.48
N SER A 117 8.04 -27.88 -8.49
CA SER A 117 9.48 -27.94 -8.70
C SER A 117 9.98 -29.34 -8.35
N GLU A 118 9.60 -30.32 -9.18
CA GLU A 118 10.01 -31.70 -8.96
C GLU A 118 11.52 -31.85 -9.11
N ARG A 119 12.09 -32.74 -8.30
CA ARG A 119 13.52 -32.99 -8.32
C ARG A 119 13.83 -34.10 -7.32
N LYS A 120 14.13 -35.30 -7.83
CA LYS A 120 14.45 -36.43 -6.97
C LYS A 120 15.65 -36.13 -6.08
N LEU A 121 15.40 -35.94 -4.78
CA LEU A 121 16.49 -35.63 -3.86
C LEU A 121 17.54 -36.72 -3.89
N THR A 122 18.80 -36.34 -3.75
CA THR A 122 19.93 -37.26 -3.77
C THR A 122 20.19 -37.89 -2.41
N ARG A 123 20.70 -39.11 -2.44
CA ARG A 123 21.03 -39.85 -1.23
C ARG A 123 21.97 -38.99 -0.38
N LYS A 124 22.81 -38.22 -1.04
CA LYS A 124 23.74 -37.34 -0.34
C LYS A 124 22.98 -36.16 0.25
N GLN A 125 22.05 -35.62 -0.53
CA GLN A 125 21.24 -34.48 -0.09
C GLN A 125 20.34 -34.88 1.05
N LEU A 126 19.57 -35.94 0.85
CA LEU A 126 18.64 -36.42 1.88
C LEU A 126 19.35 -36.76 3.17
N ASP A 127 20.45 -37.51 3.07
CA ASP A 127 21.19 -37.89 4.28
C ASP A 127 21.57 -36.68 5.11
N ILE A 128 21.57 -35.51 4.49
CA ILE A 128 21.89 -34.30 5.20
C ILE A 128 20.64 -33.70 5.83
N LEU A 129 19.56 -33.62 5.06
CA LEU A 129 18.30 -33.08 5.55
C LEU A 129 17.75 -33.86 6.73
N GLU A 130 17.68 -35.18 6.55
CA GLU A 130 17.15 -36.04 7.59
C GLU A 130 18.28 -36.53 8.48
N SER A 131 19.32 -35.71 8.60
CA SER A 131 20.45 -36.09 9.41
C SER A 131 20.05 -36.16 10.88
N THR A 132 20.63 -37.14 11.58
CA THR A 132 20.37 -37.33 13.00
C THR A 132 21.19 -36.35 13.83
N ASP A 133 22.24 -35.81 13.21
CA ASP A 133 23.11 -34.85 13.89
C ASP A 133 22.37 -33.57 14.26
N PRO A 134 22.79 -32.92 15.36
CA PRO A 134 22.14 -31.68 15.83
C PRO A 134 22.27 -30.44 14.94
N ASP A 135 23.49 -29.95 14.79
CA ASP A 135 23.75 -28.76 14.00
C ASP A 135 24.64 -29.02 12.79
N VAL A 136 24.27 -30.01 11.98
CA VAL A 136 25.07 -30.33 10.80
C VAL A 136 24.36 -29.80 9.56
N ILE A 137 23.05 -29.88 9.59
CA ILE A 137 22.26 -29.41 8.46
C ILE A 137 22.42 -27.91 8.32
N TYR A 138 22.68 -27.23 9.43
CA TYR A 138 22.87 -25.78 9.40
C TYR A 138 24.15 -25.46 8.67
N ASN A 139 25.23 -26.13 9.05
CA ASN A 139 26.53 -25.90 8.42
C ASN A 139 26.46 -26.06 6.91
N THR A 140 25.62 -27.00 6.46
CA THR A 140 25.47 -27.24 5.04
C THR A 140 24.87 -26.02 4.37
N LEU A 141 23.88 -25.43 5.05
CA LEU A 141 23.19 -24.24 4.55
C LEU A 141 24.16 -23.07 4.46
N VAL A 142 24.94 -22.87 5.52
CA VAL A 142 25.91 -21.78 5.55
C VAL A 142 26.88 -21.93 4.37
N LYS A 143 27.12 -23.18 3.98
CA LYS A 143 28.04 -23.47 2.90
C LYS A 143 27.44 -23.04 1.60
N CYS A 144 26.21 -23.44 1.36
CA CYS A 144 25.55 -23.05 0.14
C CYS A 144 24.55 -21.94 0.43
N ASP A 145 24.87 -20.71 0.05
CA ASP A 145 24.00 -19.55 0.29
C ASP A 145 24.00 -19.16 1.75
N PRO A 146 25.09 -18.55 2.21
CA PRO A 146 25.21 -18.12 3.61
C PRO A 146 24.39 -16.90 3.92
N ASP A 147 23.88 -16.25 2.89
CA ASP A 147 23.09 -15.04 3.07
C ASP A 147 21.71 -15.33 3.61
N ILE A 148 21.35 -16.60 3.62
CA ILE A 148 20.05 -16.98 4.14
C ILE A 148 20.25 -17.64 5.49
N ALA A 149 21.40 -18.30 5.65
CA ALA A 149 21.70 -18.99 6.90
C ALA A 149 21.91 -17.99 8.02
N THR A 150 22.32 -16.80 7.66
CA THR A 150 22.56 -15.79 8.67
C THR A 150 21.27 -15.20 9.22
N LYS A 151 20.16 -15.45 8.53
CA LYS A 151 18.87 -14.93 9.00
C LYS A 151 18.16 -15.91 9.92
N TYR A 152 18.82 -17.01 10.24
CA TYR A 152 18.27 -18.03 11.12
C TYR A 152 19.28 -18.48 12.15
N HIS A 153 18.80 -18.80 13.35
CA HIS A 153 19.67 -19.26 14.42
C HIS A 153 19.99 -20.71 14.11
N PRO A 154 21.20 -21.19 14.47
CA PRO A 154 21.59 -22.57 14.20
C PRO A 154 20.76 -23.65 14.90
N ASN A 155 19.81 -23.22 15.73
CA ASN A 155 18.93 -24.15 16.46
C ASN A 155 17.53 -24.23 15.87
N ASP A 156 17.19 -23.30 14.99
CA ASP A 156 15.88 -23.28 14.36
C ASP A 156 15.79 -24.38 13.29
N TYR A 157 15.94 -25.62 13.74
CA TYR A 157 15.90 -26.80 12.88
C TYR A 157 14.77 -26.77 11.83
N ARG A 158 13.53 -26.60 12.28
CA ARG A 158 12.39 -26.59 11.36
C ARG A 158 12.60 -25.67 10.17
N ARG A 159 13.12 -24.48 10.45
CA ARG A 159 13.31 -23.50 9.40
C ARG A 159 14.59 -23.66 8.63
N VAL A 160 15.68 -23.89 9.33
CA VAL A 160 16.95 -24.07 8.65
C VAL A 160 16.79 -25.23 7.67
N GLN A 161 16.04 -26.24 8.08
CA GLN A 161 15.82 -27.40 7.23
C GLN A 161 15.03 -27.05 5.98
N ARG A 162 13.96 -26.30 6.17
CA ARG A 162 13.13 -25.88 5.05
C ARG A 162 13.95 -25.08 4.07
N MET A 163 14.78 -24.18 4.57
CA MET A 163 15.58 -23.36 3.68
C MET A 163 16.45 -24.21 2.78
N LEU A 164 17.13 -25.18 3.39
CA LEU A 164 18.00 -26.07 2.65
C LEU A 164 17.18 -26.91 1.69
N GLU A 165 16.00 -27.31 2.14
CA GLU A 165 15.11 -28.11 1.34
C GLU A 165 14.79 -27.37 0.06
N ILE A 166 14.59 -26.06 0.18
CA ILE A 166 14.26 -25.21 -0.98
C ILE A 166 15.45 -25.15 -1.92
N TYR A 167 16.63 -24.91 -1.35
CA TYR A 167 17.85 -24.81 -2.13
C TYR A 167 18.02 -26.02 -3.02
N TYR A 168 17.59 -27.18 -2.52
CA TYR A 168 17.69 -28.43 -3.25
C TYR A 168 16.63 -28.58 -4.32
N LYS A 169 15.37 -28.60 -3.90
CA LYS A 169 14.30 -28.77 -4.85
C LYS A 169 14.26 -27.72 -5.96
N THR A 170 14.72 -26.51 -5.67
CA THR A 170 14.69 -25.44 -6.66
C THR A 170 16.05 -25.19 -7.30
N GLY A 171 17.10 -25.69 -6.65
CA GLY A 171 18.43 -25.50 -7.16
C GLY A 171 18.76 -24.02 -7.25
N LYS A 172 17.97 -23.20 -6.56
CA LYS A 172 18.17 -21.76 -6.56
C LYS A 172 18.30 -21.26 -5.13
N LYS A 173 19.33 -20.45 -4.86
CA LYS A 173 19.55 -19.92 -3.52
C LYS A 173 18.25 -19.32 -2.97
N PRO A 174 17.81 -19.77 -1.77
CA PRO A 174 16.57 -19.24 -1.19
C PRO A 174 16.69 -17.74 -0.95
N SER A 175 17.87 -17.29 -0.53
CA SER A 175 18.06 -15.87 -0.28
C SER A 175 17.71 -15.09 -1.54
N GLU A 176 18.25 -15.51 -2.68
CA GLU A 176 17.99 -14.86 -3.95
C GLU A 176 16.49 -14.88 -4.27
N THR A 177 15.88 -16.04 -4.09
CA THR A 177 14.46 -16.26 -4.35
C THR A 177 13.60 -15.21 -3.63
N PHE A 178 14.03 -14.81 -2.45
CA PHE A 178 13.30 -13.80 -1.69
C PHE A 178 13.52 -12.40 -2.28
N ASN A 179 14.77 -12.05 -2.56
CA ASN A 179 15.06 -10.73 -3.12
C ASN A 179 14.33 -10.50 -4.41
N GLU A 180 13.90 -11.59 -5.04
CA GLU A 180 13.17 -11.53 -6.28
C GLU A 180 11.66 -11.56 -6.12
N GLN A 181 11.18 -11.88 -4.92
CA GLN A 181 9.73 -11.92 -4.67
C GLN A 181 9.12 -10.55 -4.87
N LYS A 182 7.91 -10.53 -5.42
CA LYS A 182 7.23 -9.27 -5.68
C LYS A 182 6.50 -8.79 -4.42
N ILE A 183 5.99 -9.75 -3.66
CA ILE A 183 5.29 -9.45 -2.42
C ILE A 183 4.18 -8.44 -2.59
N THR A 184 3.47 -8.54 -3.71
CA THR A 184 2.38 -7.65 -4.00
C THR A 184 1.05 -8.26 -3.57
N LEU A 185 0.20 -7.41 -3.02
CA LEU A 185 -1.09 -7.87 -2.54
C LEU A 185 -1.91 -8.46 -3.67
N LYS A 186 -2.56 -9.57 -3.38
CA LYS A 186 -3.41 -10.24 -4.34
C LYS A 186 -4.87 -9.79 -4.11
N PHE A 187 -5.51 -9.28 -5.16
CA PHE A 187 -6.89 -8.78 -5.09
C PHE A 187 -6.90 -7.45 -4.33
N ASP A 188 -7.94 -6.66 -4.56
CA ASP A 188 -8.06 -5.41 -3.85
C ASP A 188 -8.56 -5.83 -2.47
N THR A 189 -7.62 -6.03 -1.55
CA THR A 189 -7.97 -6.46 -0.21
C THR A 189 -8.13 -5.33 0.81
N LEU A 190 -9.01 -5.55 1.77
CA LEU A 190 -9.27 -4.59 2.83
C LEU A 190 -8.98 -5.30 4.15
N PHE A 191 -7.97 -4.83 4.87
CA PHE A 191 -7.63 -5.46 6.14
C PHE A 191 -8.27 -4.73 7.31
N LEU A 192 -9.13 -5.45 8.03
CA LEU A 192 -9.80 -4.93 9.20
C LEU A 192 -9.20 -5.63 10.42
N TRP A 193 -8.68 -4.85 11.37
CA TRP A 193 -8.07 -5.38 12.58
C TRP A 193 -8.96 -5.06 13.77
N LEU A 194 -9.56 -6.09 14.37
CA LEU A 194 -10.43 -5.92 15.52
C LEU A 194 -9.50 -6.04 16.73
N TYR A 195 -9.39 -4.98 17.52
CA TYR A 195 -8.47 -4.99 18.65
C TYR A 195 -9.16 -4.71 19.97
N SER A 196 -8.53 -5.14 21.05
CA SER A 196 -9.07 -4.89 22.39
C SER A 196 -7.94 -4.82 23.39
N LYS A 197 -7.97 -3.84 24.29
CA LYS A 197 -6.94 -3.74 25.31
C LYS A 197 -6.73 -5.13 25.90
N PRO A 198 -5.48 -5.50 26.16
CA PRO A 198 -5.16 -6.81 26.72
C PRO A 198 -5.91 -7.19 28.01
N GLU A 199 -5.97 -6.27 28.96
CA GLU A 199 -6.62 -6.58 30.23
C GLU A 199 -8.06 -7.02 30.08
N PRO A 200 -8.92 -6.15 29.55
CA PRO A 200 -10.31 -6.55 29.40
C PRO A 200 -10.42 -7.85 28.61
N LEU A 201 -9.56 -8.00 27.60
CA LEU A 201 -9.56 -9.19 26.76
C LEU A 201 -9.20 -10.42 27.56
N PHE A 202 -8.07 -10.35 28.24
CA PHE A 202 -7.61 -11.48 29.04
C PHE A 202 -8.70 -11.98 29.95
N GLN A 203 -9.53 -11.07 30.47
CA GLN A 203 -10.61 -11.47 31.35
C GLN A 203 -11.61 -12.32 30.58
N ARG A 204 -12.07 -11.80 29.44
CA ARG A 204 -13.02 -12.51 28.59
C ARG A 204 -12.46 -13.85 28.14
N LEU A 205 -11.19 -13.85 27.73
CA LEU A 205 -10.55 -15.08 27.28
C LEU A 205 -10.54 -16.13 28.36
N ASP A 206 -10.53 -15.70 29.63
CA ASP A 206 -10.52 -16.63 30.75
C ASP A 206 -11.89 -17.24 30.97
N ASP A 207 -12.89 -16.38 31.13
CA ASP A 207 -14.25 -16.84 31.34
C ASP A 207 -14.69 -17.67 30.15
N ARG A 208 -14.23 -17.26 28.97
CA ARG A 208 -14.53 -17.93 27.71
C ARG A 208 -14.02 -19.36 27.81
N VAL A 209 -13.09 -19.58 28.72
CA VAL A 209 -12.52 -20.91 28.91
C VAL A 209 -13.35 -21.70 29.92
N ASP A 210 -13.92 -20.99 30.88
CA ASP A 210 -14.75 -21.62 31.89
C ASP A 210 -16.00 -22.22 31.26
N ASP A 211 -16.89 -21.38 30.77
CA ASP A 211 -18.12 -21.87 30.16
C ASP A 211 -17.84 -22.65 28.88
N MET A 212 -16.56 -22.80 28.57
CA MET A 212 -16.17 -23.57 27.41
C MET A 212 -16.19 -25.04 27.81
N LEU A 213 -15.89 -25.28 29.09
CA LEU A 213 -15.89 -26.63 29.68
C LEU A 213 -17.34 -26.96 30.03
N GLU A 214 -18.06 -25.94 30.52
CA GLU A 214 -19.46 -26.10 30.90
C GLU A 214 -20.28 -26.53 29.68
N ARG A 215 -19.89 -26.09 28.50
CA ARG A 215 -20.61 -26.48 27.30
C ARG A 215 -20.27 -27.91 26.94
N GLY A 216 -19.35 -28.51 27.67
CA GLY A 216 -19.01 -29.89 27.38
C GLY A 216 -17.70 -30.04 26.61
N ALA A 217 -16.67 -29.36 27.08
CA ALA A 217 -15.36 -29.44 26.44
C ALA A 217 -14.69 -30.77 26.77
N LEU A 218 -14.77 -31.17 28.05
CA LEU A 218 -14.19 -32.41 28.51
C LEU A 218 -14.66 -33.58 27.66
N GLN A 219 -15.87 -33.47 27.13
CA GLN A 219 -16.40 -34.54 26.30
C GLN A 219 -15.58 -34.64 25.01
N GLU A 220 -15.19 -33.48 24.48
CA GLU A 220 -14.41 -33.41 23.25
C GLU A 220 -12.96 -33.75 23.57
N ILE A 221 -12.55 -33.44 24.79
CA ILE A 221 -11.19 -33.73 25.23
C ILE A 221 -11.01 -35.24 25.36
N LYS A 222 -11.94 -35.91 26.03
CA LYS A 222 -11.87 -37.37 26.21
C LYS A 222 -11.90 -38.02 24.84
N GLN A 223 -12.78 -37.52 23.98
CA GLN A 223 -12.92 -38.02 22.63
C GLN A 223 -11.59 -37.95 21.93
N LEU A 224 -10.94 -36.80 22.05
CA LEU A 224 -9.64 -36.59 21.44
C LEU A 224 -8.61 -37.51 22.08
N TYR A 225 -8.84 -37.86 23.35
CA TYR A 225 -7.93 -38.74 24.07
C TYR A 225 -8.13 -40.19 23.65
N GLU A 226 -9.35 -40.51 23.26
CA GLU A 226 -9.67 -41.86 22.81
C GLU A 226 -8.90 -42.12 21.52
N TYR A 227 -8.96 -41.15 20.61
CA TYR A 227 -8.26 -41.26 19.35
C TYR A 227 -6.77 -41.19 19.62
N TYR A 228 -6.39 -40.31 20.56
CA TYR A 228 -4.99 -40.15 20.95
C TYR A 228 -4.52 -41.52 21.40
N SER A 229 -5.34 -42.15 22.22
CA SER A 229 -5.07 -43.49 22.73
C SER A 229 -5.47 -44.44 21.59
N GLN A 230 -5.34 -45.73 21.83
CA GLN A 230 -5.69 -46.70 20.81
C GLN A 230 -4.97 -46.31 19.52
N ASN A 231 -3.88 -45.56 19.66
CA ASN A 231 -3.10 -45.13 18.51
C ASN A 231 -1.64 -45.03 18.91
N LYS A 232 -1.36 -45.41 20.14
CA LYS A 232 -0.01 -45.38 20.71
C LYS A 232 0.69 -44.04 20.44
N PHE A 233 0.06 -42.97 20.88
CA PHE A 233 0.60 -41.64 20.69
C PHE A 233 1.27 -41.11 21.94
N THR A 234 2.47 -40.55 21.77
CA THR A 234 3.22 -39.97 22.87
C THR A 234 3.02 -38.47 22.85
N PRO A 235 3.25 -37.80 24.00
CA PRO A 235 3.08 -36.35 24.06
C PRO A 235 3.87 -35.57 22.99
N GLU A 236 5.05 -36.06 22.61
CA GLU A 236 5.83 -35.37 21.60
C GLU A 236 5.08 -35.32 20.25
N GLN A 237 3.90 -35.90 20.22
CA GLN A 237 3.12 -35.90 19.00
C GLN A 237 2.31 -34.61 18.93
N CYS A 238 2.19 -33.95 20.08
CA CYS A 238 1.42 -32.72 20.16
C CYS A 238 2.09 -31.52 19.48
N GLU A 239 2.82 -31.81 18.41
CA GLU A 239 3.48 -30.76 17.64
C GLU A 239 3.02 -30.84 16.22
N ASN A 240 2.10 -31.77 15.96
CA ASN A 240 1.56 -31.98 14.61
C ASN A 240 0.05 -31.97 14.59
N GLY A 241 -0.51 -31.64 13.43
CA GLY A 241 -1.95 -31.61 13.25
C GLY A 241 -2.76 -31.06 14.41
N VAL A 242 -3.95 -31.62 14.58
CA VAL A 242 -4.87 -31.19 15.63
C VAL A 242 -4.22 -31.23 16.99
N TRP A 243 -3.27 -32.14 17.14
CA TRP A 243 -2.58 -32.31 18.40
C TRP A 243 -1.93 -31.03 18.93
N GLN A 244 -1.97 -29.96 18.15
CA GLN A 244 -1.39 -28.69 18.56
C GLN A 244 -2.43 -27.82 19.25
N VAL A 245 -3.70 -28.07 18.95
CA VAL A 245 -4.79 -27.29 19.52
C VAL A 245 -4.65 -27.00 21.01
N ILE A 246 -5.14 -25.82 21.39
CA ILE A 246 -5.11 -25.39 22.78
C ILE A 246 -6.40 -25.83 23.44
N GLY A 247 -6.34 -26.97 24.13
CA GLY A 247 -7.51 -27.49 24.80
C GLY A 247 -7.39 -28.98 25.03
N PHE A 248 -6.33 -29.57 24.48
CA PHE A 248 -6.09 -31.00 24.64
C PHE A 248 -4.76 -31.25 25.35
N LYS A 249 -3.65 -31.05 24.65
CA LYS A 249 -2.33 -31.26 25.23
C LYS A 249 -2.18 -30.76 26.67
N GLU A 250 -2.91 -29.69 27.01
CA GLU A 250 -2.85 -29.13 28.35
C GLU A 250 -3.43 -30.08 29.41
N PHE A 251 -4.35 -30.95 28.99
CA PHE A 251 -4.98 -31.89 29.91
C PHE A 251 -4.36 -33.28 29.88
N LEU A 252 -3.33 -33.47 29.06
CA LEU A 252 -2.67 -34.77 28.99
C LEU A 252 -2.22 -35.33 30.34
N PRO A 253 -1.58 -34.50 31.19
CA PRO A 253 -1.15 -35.00 32.49
C PRO A 253 -2.33 -35.43 33.38
N TRP A 254 -3.48 -34.80 33.19
CA TRP A 254 -4.68 -35.13 33.94
C TRP A 254 -5.22 -36.48 33.44
N LEU A 255 -4.57 -37.00 32.41
CA LEU A 255 -4.97 -38.29 31.84
C LEU A 255 -3.80 -39.25 32.06
N THR A 256 -2.89 -38.85 32.96
CA THR A 256 -1.71 -39.64 33.30
C THR A 256 -1.07 -40.16 32.01
N VAL A 264 -9.11 -32.14 41.13
CA VAL A 264 -8.03 -31.72 42.04
C VAL A 264 -6.83 -31.18 41.25
N LYS A 265 -6.39 -31.94 40.24
CA LYS A 265 -5.26 -31.56 39.41
C LYS A 265 -5.77 -31.14 38.03
N LEU A 266 -7.04 -31.44 37.76
CA LEU A 266 -7.66 -31.06 36.50
C LEU A 266 -7.73 -29.55 36.50
N GLU A 267 -7.89 -29.00 37.69
CA GLU A 267 -7.99 -27.56 37.90
C GLU A 267 -6.73 -26.87 37.40
N ASP A 268 -5.61 -27.58 37.48
CA ASP A 268 -4.32 -27.08 37.01
C ASP A 268 -4.29 -27.08 35.49
N CYS A 269 -4.71 -28.19 34.90
CA CYS A 269 -4.72 -28.26 33.44
C CYS A 269 -5.57 -27.17 32.85
N ILE A 270 -6.57 -26.71 33.60
CA ILE A 270 -7.43 -25.64 33.13
C ILE A 270 -6.68 -24.33 33.20
N GLU A 271 -5.94 -24.11 34.29
CA GLU A 271 -5.16 -22.88 34.40
C GLU A 271 -4.12 -22.83 33.31
N ARG A 272 -3.43 -23.94 33.11
CA ARG A 272 -2.40 -24.05 32.08
C ARG A 272 -2.98 -23.71 30.71
N MET A 273 -4.25 -24.05 30.49
CA MET A 273 -4.91 -23.76 29.22
C MET A 273 -5.19 -22.27 29.12
N LYS A 274 -5.76 -21.69 30.17
CA LYS A 274 -6.05 -20.26 30.18
C LYS A 274 -4.78 -19.45 29.88
N THR A 275 -3.64 -19.98 30.29
CA THR A 275 -2.36 -19.33 30.05
C THR A 275 -2.00 -19.40 28.58
N ARG A 276 -1.96 -20.61 28.03
CA ARG A 276 -1.63 -20.78 26.61
C ARG A 276 -2.46 -19.87 25.73
N THR A 277 -3.75 -19.74 26.05
CA THR A 277 -4.68 -18.89 25.30
C THR A 277 -4.22 -17.45 25.43
N ARG A 278 -3.92 -17.04 26.66
CA ARG A 278 -3.47 -15.69 26.93
C ARG A 278 -2.25 -15.38 26.08
N GLN A 279 -1.26 -16.27 26.13
CA GLN A 279 -0.02 -16.12 25.37
C GLN A 279 -0.30 -16.03 23.88
N TYR A 280 -1.18 -16.89 23.40
CA TYR A 280 -1.56 -16.92 21.99
C TYR A 280 -2.06 -15.55 21.55
N ALA A 281 -2.93 -14.95 22.35
CA ALA A 281 -3.47 -13.65 22.02
C ALA A 281 -2.33 -12.65 21.93
N LYS A 282 -1.37 -12.75 22.85
CA LYS A 282 -0.24 -11.82 22.84
C LYS A 282 0.63 -11.99 21.60
N ARG A 283 0.94 -13.24 21.25
CA ARG A 283 1.75 -13.50 20.07
C ARG A 283 1.02 -13.06 18.81
N GLN A 284 -0.31 -13.08 18.84
CA GLN A 284 -1.08 -12.68 17.67
C GLN A 284 -0.89 -11.21 17.38
N VAL A 285 -0.94 -10.40 18.43
CA VAL A 285 -0.78 -8.95 18.27
C VAL A 285 0.63 -8.68 17.74
N LYS A 286 1.62 -9.30 18.35
CA LYS A 286 2.99 -9.11 17.92
C LYS A 286 3.11 -9.40 16.44
N TRP A 287 2.40 -10.41 15.95
CA TRP A 287 2.49 -10.74 14.54
C TRP A 287 1.88 -9.63 13.71
N ILE A 288 0.63 -9.31 14.02
CA ILE A 288 -0.09 -8.27 13.30
C ILE A 288 0.70 -6.95 13.28
N LYS A 289 1.38 -6.65 14.38
CA LYS A 289 2.16 -5.40 14.48
C LYS A 289 3.54 -5.46 13.85
N LYS A 290 4.24 -6.59 13.98
CA LYS A 290 5.58 -6.69 13.43
C LYS A 290 5.71 -7.44 12.10
N MET A 291 4.70 -8.24 11.77
CA MET A 291 4.73 -9.01 10.53
C MET A 291 3.67 -8.56 9.50
N LEU A 292 2.40 -8.71 9.85
CA LEU A 292 1.32 -8.33 8.92
C LEU A 292 1.39 -6.89 8.46
N ILE A 293 1.23 -5.95 9.38
CA ILE A 293 1.24 -4.53 9.01
C ILE A 293 2.45 -4.11 8.16
N PRO A 294 3.67 -4.33 8.66
CA PRO A 294 4.86 -3.96 7.89
C PRO A 294 4.81 -4.54 6.46
N ASP A 295 4.29 -5.76 6.31
CA ASP A 295 4.19 -6.41 5.00
C ASP A 295 3.17 -5.75 4.07
N ILE A 296 2.08 -5.22 4.62
CA ILE A 296 1.08 -4.57 3.80
C ILE A 296 1.26 -3.05 3.81
N LYS A 297 2.47 -2.58 4.13
CA LYS A 297 2.78 -1.15 4.16
C LYS A 297 1.88 -0.33 5.09
N GLY A 298 1.10 -1.00 5.92
CA GLY A 298 0.25 -0.27 6.85
C GLY A 298 -1.13 0.06 6.34
N ASP A 299 -1.57 -0.61 5.29
CA ASP A 299 -2.90 -0.35 4.75
C ASP A 299 -3.90 -1.22 5.55
N ILE A 300 -4.20 -0.78 6.76
CA ILE A 300 -5.11 -1.52 7.61
C ILE A 300 -5.96 -0.55 8.43
N TYR A 301 -7.14 -0.99 8.88
CA TYR A 301 -8.00 -0.12 9.67
C TYR A 301 -8.34 -0.77 11.00
N LEU A 302 -8.14 -0.05 12.09
CA LEU A 302 -8.41 -0.58 13.42
C LEU A 302 -9.84 -0.40 13.86
N LEU A 303 -10.34 -1.37 14.62
CA LEU A 303 -11.70 -1.35 15.17
C LEU A 303 -11.65 -1.69 16.65
N ASP A 304 -11.91 -0.68 17.50
CA ASP A 304 -11.88 -0.86 18.95
C ASP A 304 -13.05 -1.66 19.52
N ALA A 305 -12.75 -2.87 19.94
CA ALA A 305 -13.76 -3.76 20.52
C ALA A 305 -13.41 -4.07 21.98
N THR A 306 -12.80 -3.09 22.62
CA THR A 306 -12.42 -3.24 24.01
C THR A 306 -13.64 -3.16 24.91
N ASP A 307 -14.53 -2.23 24.61
CA ASP A 307 -15.74 -2.05 25.41
C ASP A 307 -16.95 -2.61 24.66
N LEU A 308 -17.17 -3.91 24.84
CA LEU A 308 -18.27 -4.60 24.18
C LEU A 308 -19.62 -3.92 24.30
N SER A 309 -19.84 -3.25 25.44
CA SER A 309 -21.10 -2.56 25.70
C SER A 309 -21.39 -1.70 24.50
N GLN A 310 -20.33 -1.38 23.77
CA GLN A 310 -20.48 -0.57 22.57
C GLN A 310 -20.53 -1.48 21.35
N TRP A 311 -19.36 -1.81 20.80
CA TRP A 311 -19.28 -2.66 19.63
C TRP A 311 -20.10 -2.17 18.42
N ASP A 312 -21.41 -2.08 18.60
CA ASP A 312 -22.26 -1.66 17.51
C ASP A 312 -21.78 -0.39 16.85
N THR A 313 -21.25 0.50 17.67
CA THR A 313 -20.76 1.77 17.18
C THR A 313 -19.31 1.72 16.71
N ASN A 314 -18.42 1.33 17.62
CA ASN A 314 -17.00 1.23 17.33
C ASN A 314 -16.65 0.13 16.33
N ALA A 315 -17.38 -0.98 16.38
CA ALA A 315 -17.10 -2.09 15.46
C ALA A 315 -18.06 -2.19 14.28
N SER A 316 -19.29 -2.60 14.55
CA SER A 316 -20.31 -2.76 13.52
C SER A 316 -20.41 -1.62 12.52
N GLN A 317 -20.82 -0.46 13.01
CA GLN A 317 -20.98 0.71 12.15
C GLN A 317 -19.72 1.11 11.40
N ARG A 318 -18.62 1.27 12.14
CA ARG A 318 -17.34 1.64 11.55
C ARG A 318 -16.93 0.63 10.47
N ALA A 319 -16.97 -0.64 10.82
CA ALA A 319 -16.60 -1.67 9.86
C ALA A 319 -17.48 -1.56 8.64
N ILE A 320 -18.77 -1.38 8.85
CA ILE A 320 -19.69 -1.26 7.73
C ILE A 320 -19.34 -0.02 6.92
N ALA A 321 -19.15 1.11 7.60
CA ALA A 321 -18.81 2.35 6.92
C ALA A 321 -17.60 2.17 6.00
N ILE A 322 -16.50 1.62 6.54
CA ILE A 322 -15.29 1.41 5.75
C ILE A 322 -15.58 0.42 4.62
N SER A 323 -16.18 -0.71 4.94
CA SER A 323 -16.48 -1.73 3.93
C SER A 323 -17.37 -1.19 2.84
N ASN A 324 -18.28 -0.32 3.21
CA ASN A 324 -19.18 0.26 2.25
C ASN A 324 -18.40 1.07 1.21
N ASP A 325 -17.51 1.95 1.66
CA ASP A 325 -16.71 2.76 0.75
C ASP A 325 -15.78 1.85 -0.06
N PHE A 326 -15.28 0.84 0.62
CA PHE A 326 -14.37 -0.12 -0.01
C PHE A 326 -15.01 -0.80 -1.20
N ILE A 327 -16.07 -1.54 -0.93
CA ILE A 327 -16.78 -2.26 -1.97
C ILE A 327 -17.26 -1.33 -3.07
N SER A 328 -17.56 -0.09 -2.73
CA SER A 328 -18.00 0.89 -3.71
C SER A 328 -16.83 1.39 -4.55
N ASN A 329 -15.73 0.66 -4.47
CA ASN A 329 -14.52 0.99 -5.21
C ASN A 329 -14.23 2.47 -5.05
N ARG A 330 -13.95 2.88 -3.81
CA ARG A 330 -13.67 4.29 -3.51
C ARG A 330 -12.65 4.38 -2.41
N PRO A 331 -11.83 5.46 -2.41
CA PRO A 331 -10.79 5.66 -1.39
C PRO A 331 -11.41 5.91 0.00
N ILE A 332 -11.11 5.02 0.93
CA ILE A 332 -11.66 5.09 2.28
C ILE A 332 -11.44 6.43 2.98
N LYS A 333 -12.54 7.03 3.45
CA LYS A 333 -12.48 8.32 4.13
C LYS A 333 -12.36 8.18 5.63
N GLN A 334 -12.61 6.98 6.14
CA GLN A 334 -12.53 6.70 7.56
C GLN A 334 -11.14 6.93 8.11
N GLU A 335 -11.09 7.27 9.39
CA GLU A 335 -9.84 7.60 10.03
C GLU A 335 -8.76 6.55 10.12
N ARG A 336 -9.08 5.29 9.81
CA ARG A 336 -8.07 4.22 9.85
C ARG A 336 -7.67 3.76 11.24
N ALA A 337 -7.96 4.57 12.24
CA ALA A 337 -7.65 4.21 13.61
C ALA A 337 -8.25 5.21 14.61
N PRO A 338 -9.01 4.72 15.60
CA PRO A 338 -9.63 5.58 16.62
C PRO A 338 -8.58 6.15 17.57
N LYS A 339 -8.69 7.44 17.87
CA LYS A 339 -7.73 8.13 18.74
C LYS A 339 -7.09 7.22 19.77
N ALA A 340 -7.91 6.46 20.47
CA ALA A 340 -7.43 5.57 21.52
C ALA A 340 -6.34 4.61 21.07
N LEU A 341 -6.58 3.90 19.97
CA LEU A 341 -5.63 2.91 19.47
C LEU A 341 -4.65 3.45 18.42
N GLU A 342 -4.69 4.76 18.22
CA GLU A 342 -3.84 5.43 17.24
C GLU A 342 -2.40 4.99 17.26
N GLU A 343 -1.79 4.94 18.45
CA GLU A 343 -0.38 4.56 18.54
C GLU A 343 -0.05 3.14 18.09
N LEU A 344 -1.06 2.29 17.94
CA LEU A 344 -0.81 0.91 17.54
C LEU A 344 -0.33 0.79 16.13
N LEU A 345 -0.64 1.79 15.33
CA LEU A 345 -0.24 1.76 13.94
C LEU A 345 0.95 2.65 13.69
N SER A 346 1.60 3.11 14.75
CA SER A 346 2.75 3.97 14.60
C SER A 346 3.95 3.17 14.15
N LYS A 347 4.92 3.86 13.55
CA LYS A 347 6.14 3.20 13.10
C LYS A 347 6.87 2.57 14.27
N GLY A 348 6.89 3.28 15.40
CA GLY A 348 7.58 2.79 16.57
C GLY A 348 7.03 1.49 17.11
N GLU A 349 5.73 1.28 16.92
CA GLU A 349 5.07 0.06 17.40
C GLU A 349 5.06 -1.04 16.36
N THR A 350 5.56 -0.75 15.17
CA THR A 350 5.55 -1.72 14.09
C THR A 350 6.92 -2.00 13.48
N THR A 351 7.15 -1.50 12.26
CA THR A 351 8.40 -1.73 11.55
C THR A 351 9.63 -1.36 12.35
N MET A 352 9.46 -0.49 13.32
CA MET A 352 10.58 -0.09 14.15
C MET A 352 11.12 -1.25 14.99
N LYS A 353 10.29 -2.25 15.26
CA LYS A 353 10.70 -3.38 16.10
C LYS A 353 11.36 -4.51 15.35
N LYS A 354 11.20 -4.50 14.03
CA LYS A 354 11.77 -5.56 13.22
C LYS A 354 13.29 -5.58 13.27
N LEU A 355 13.84 -6.77 13.45
CA LEU A 355 15.28 -6.95 13.50
C LEU A 355 15.93 -6.67 12.13
N ASP A 356 16.98 -5.85 12.11
CA ASP A 356 17.68 -5.53 10.87
C ASP A 356 19.14 -5.93 10.87
N ASP A 357 19.69 -6.17 12.06
CA ASP A 357 21.09 -6.58 12.20
C ASP A 357 21.15 -8.09 12.36
N TRP A 358 21.71 -8.81 11.38
CA TRP A 358 21.77 -10.27 11.47
C TRP A 358 23.13 -10.88 11.73
N THR A 359 24.14 -10.05 11.95
CA THR A 359 25.49 -10.54 12.21
C THR A 359 25.48 -11.45 13.45
N HIS A 360 26.05 -12.64 13.33
CA HIS A 360 26.07 -13.55 14.46
C HIS A 360 27.22 -13.28 15.43
N TYR A 361 27.07 -13.75 16.65
CA TYR A 361 28.09 -13.57 17.69
C TYR A 361 28.06 -14.82 18.55
N THR A 362 29.22 -15.43 18.80
CA THR A 362 29.29 -16.64 19.62
C THR A 362 30.07 -16.39 20.92
N CYS A 363 29.34 -16.36 22.03
CA CYS A 363 29.97 -16.17 23.33
C CYS A 363 30.80 -17.42 23.61
N ASN A 364 32.12 -17.29 23.53
CA ASN A 364 33.03 -18.42 23.78
C ASN A 364 33.10 -18.83 25.26
N VAL A 365 32.32 -18.18 26.11
CA VAL A 365 32.32 -18.47 27.54
C VAL A 365 31.01 -19.10 28.02
N CYS A 366 29.89 -18.64 27.47
CA CYS A 366 28.56 -19.16 27.83
C CYS A 366 28.11 -20.32 26.95
N ARG A 367 27.42 -21.28 27.55
CA ARG A 367 26.92 -22.43 26.81
C ARG A 367 25.61 -22.92 27.42
N ASN A 368 24.74 -23.41 26.54
CA ASN A 368 23.42 -23.89 26.94
C ASN A 368 23.41 -25.35 27.34
N ALA A 369 22.27 -25.78 27.88
CA ALA A 369 22.09 -27.16 28.31
C ALA A 369 22.42 -28.17 27.23
N ASP A 370 22.31 -27.79 25.97
CA ASP A 370 22.60 -28.71 24.89
C ASP A 370 24.10 -28.77 24.64
N GLY A 371 24.87 -28.01 25.41
CA GLY A 371 26.31 -28.02 25.25
C GLY A 371 26.83 -26.95 24.32
N LYS A 372 26.06 -26.62 23.29
CA LYS A 372 26.43 -25.61 22.30
C LYS A 372 26.70 -24.26 22.96
N ASN A 373 27.58 -23.47 22.37
CA ASN A 373 27.88 -22.17 22.93
C ASN A 373 26.83 -21.18 22.48
N VAL A 374 26.41 -20.28 23.38
CA VAL A 374 25.41 -19.28 23.05
C VAL A 374 25.78 -18.48 21.80
N VAL A 375 24.80 -18.19 20.95
CA VAL A 375 25.05 -17.39 19.74
C VAL A 375 23.94 -16.34 19.61
N ALA A 376 24.32 -15.07 19.69
CA ALA A 376 23.38 -13.95 19.59
C ALA A 376 23.28 -13.40 18.16
N ILE A 377 22.13 -12.81 17.83
CA ILE A 377 21.94 -12.27 16.49
C ILE A 377 21.60 -10.79 16.63
N GLY A 378 22.44 -9.94 16.03
CA GLY A 378 22.22 -8.51 16.10
C GLY A 378 23.04 -7.89 17.22
N GLU A 379 23.86 -6.91 16.88
CA GLU A 379 24.69 -6.27 17.87
C GLU A 379 23.87 -5.89 19.11
N LYS A 380 22.68 -5.33 18.90
CA LYS A 380 21.83 -4.93 20.01
C LYS A 380 21.64 -6.03 21.05
N TYR A 381 21.25 -7.19 20.56
CA TYR A 381 21.01 -8.31 21.44
C TYR A 381 22.30 -8.99 21.88
N TRP A 382 23.34 -8.83 21.08
CA TRP A 382 24.63 -9.43 21.42
C TRP A 382 25.08 -8.79 22.71
N LYS A 383 24.80 -7.50 22.83
CA LYS A 383 25.19 -6.77 24.01
C LYS A 383 24.28 -7.12 25.17
N ILE A 384 22.99 -7.23 24.89
CA ILE A 384 22.02 -7.58 25.93
C ILE A 384 22.53 -8.82 26.64
N HIS A 385 23.08 -9.73 25.86
CA HIS A 385 23.63 -10.95 26.41
C HIS A 385 24.85 -10.70 27.27
N LEU A 386 25.76 -9.86 26.77
CA LEU A 386 26.98 -9.56 27.49
C LEU A 386 26.72 -8.95 28.85
N GLY A 387 25.64 -8.21 28.98
CA GLY A 387 25.34 -7.62 30.26
C GLY A 387 24.41 -8.48 31.08
N SER A 388 24.06 -9.65 30.55
CA SER A 388 23.15 -10.57 31.25
C SER A 388 23.82 -11.19 32.45
N ARG A 389 23.04 -11.41 33.51
CA ARG A 389 23.56 -12.02 34.72
C ARG A 389 24.13 -13.39 34.37
N ARG A 390 23.56 -14.01 33.36
CA ARG A 390 24.00 -15.33 32.92
C ARG A 390 25.46 -15.26 32.51
N HIS A 391 25.75 -14.34 31.60
CA HIS A 391 27.09 -14.13 31.08
C HIS A 391 27.98 -13.65 32.20
N LYS A 392 27.48 -12.72 33.00
CA LYS A 392 28.25 -12.18 34.12
C LYS A 392 28.66 -13.30 35.08
N SER A 393 27.69 -13.93 35.75
CA SER A 393 27.96 -15.02 36.69
C SER A 393 28.94 -16.03 36.13
N ASN A 394 28.82 -16.28 34.84
CA ASN A 394 29.70 -17.23 34.18
C ASN A 394 31.08 -16.65 33.91
N LEU A 395 31.16 -15.34 33.67
CA LEU A 395 32.45 -14.72 33.40
C LEU A 395 33.25 -14.62 34.68
N LYS A 396 32.54 -14.58 35.80
CA LYS A 396 33.17 -14.48 37.10
C LYS A 396 33.80 -15.80 37.50
N ARG A 397 33.02 -16.87 37.45
CA ARG A 397 33.53 -18.20 37.82
C ARG A 397 34.71 -18.55 36.93
N ASN A 398 34.67 -18.06 35.71
CA ASN A 398 35.73 -18.32 34.76
C ASN A 398 37.01 -17.60 35.16
N THR A 399 36.88 -16.35 35.59
CA THR A 399 38.04 -15.56 36.00
C THR A 399 38.64 -16.10 37.29
N ARG A 400 37.77 -16.40 38.26
CA ARG A 400 38.22 -16.93 39.54
C ARG A 400 39.01 -18.19 39.33
N GLN A 401 38.53 -19.05 38.44
CA GLN A 401 39.20 -20.32 38.15
C GLN A 401 40.54 -20.06 37.47
N ALA A 402 40.60 -19.04 36.63
CA ALA A 402 41.82 -18.71 35.94
C ALA A 402 42.77 -17.99 36.88
N ASP A 403 42.21 -17.30 37.86
CA ASP A 403 43.01 -16.59 38.82
C ASP A 403 43.72 -17.58 39.74
N PHE A 404 43.24 -18.83 39.74
CA PHE A 404 43.88 -19.88 40.55
C PHE A 404 45.06 -20.44 39.77
N GLU A 405 45.22 -20.00 38.53
CA GLU A 405 46.35 -20.45 37.71
C GLU A 405 47.54 -19.55 37.95
N LYS A 406 47.29 -18.26 38.10
CA LYS A 406 48.35 -17.30 38.35
C LYS A 406 48.99 -17.68 39.68
N TRP A 407 48.12 -18.01 40.63
CA TRP A 407 48.52 -18.40 41.98
C TRP A 407 49.26 -19.73 41.91
N LYS A 408 49.30 -20.30 40.72
CA LYS A 408 50.00 -21.56 40.51
C LYS A 408 51.37 -21.27 39.91
N ILE A 409 51.82 -20.02 40.03
CA ILE A 409 53.11 -19.60 39.49
C ILE A 409 53.91 -18.85 40.55
N SER C 1 12.14 -7.36 -4.89
CA SER C 1 12.11 -7.28 -6.39
C SER C 1 12.68 -5.97 -6.93
N LYS C 2 12.55 -5.76 -8.23
CA LYS C 2 13.08 -4.56 -8.87
C LYS C 2 12.48 -3.28 -8.31
N LYS C 3 13.30 -2.53 -7.58
CA LYS C 3 12.88 -1.28 -6.97
C LYS C 3 12.92 -0.10 -7.94
N VAL C 4 12.14 0.93 -7.61
CA VAL C 4 12.05 2.19 -8.38
C VAL C 4 11.74 3.36 -7.44
N ILE C 5 12.60 4.36 -7.42
CA ILE C 5 12.38 5.51 -6.56
C ILE C 5 11.80 6.70 -7.32
N VAL C 6 10.78 7.34 -6.77
CA VAL C 6 10.14 8.47 -7.42
C VAL C 6 10.17 9.68 -6.49
N ILE C 7 10.44 10.86 -7.06
CA ILE C 7 10.51 12.09 -6.28
C ILE C 7 9.45 13.06 -6.80
N ALA C 8 8.49 13.40 -5.93
CA ALA C 8 7.40 14.31 -6.28
C ALA C 8 7.52 15.59 -5.47
N GLY C 9 6.73 16.59 -5.87
CA GLY C 9 6.73 17.86 -5.18
C GLY C 9 6.44 19.00 -6.14
N THR C 10 6.35 20.22 -5.61
CA THR C 10 6.08 21.40 -6.42
C THR C 10 7.35 21.89 -7.10
N THR C 11 7.23 22.95 -7.90
CA THR C 11 8.38 23.50 -8.60
C THR C 11 9.33 24.18 -7.63
N GLY C 12 10.61 24.20 -7.96
CA GLY C 12 11.58 24.86 -7.09
C GLY C 12 11.56 24.37 -5.66
N VAL C 13 11.74 23.07 -5.49
CA VAL C 13 11.77 22.46 -4.18
C VAL C 13 13.06 21.64 -4.01
N GLY C 14 13.82 21.50 -5.10
CA GLY C 14 15.05 20.75 -5.01
C GLY C 14 14.90 19.31 -5.45
N LYS C 15 13.91 19.03 -6.28
CA LYS C 15 13.71 17.67 -6.72
C LYS C 15 14.90 17.16 -7.52
N SER C 16 15.30 17.91 -8.54
CA SER C 16 16.44 17.50 -9.35
C SER C 16 17.67 17.43 -8.46
N GLN C 17 17.89 18.49 -7.71
CA GLN C 17 19.03 18.54 -6.81
C GLN C 17 19.12 17.27 -5.95
N LEU C 18 17.97 16.81 -5.45
CA LEU C 18 17.94 15.61 -4.61
C LEU C 18 18.17 14.39 -5.46
N SER C 19 17.44 14.30 -6.57
CA SER C 19 17.55 13.16 -7.46
C SER C 19 18.99 12.81 -7.76
N ILE C 20 19.83 13.81 -7.93
CA ILE C 20 21.23 13.58 -8.22
C ILE C 20 21.93 12.92 -7.03
N GLN C 21 21.79 13.53 -5.86
CA GLN C 21 22.42 13.01 -4.66
C GLN C 21 22.12 11.53 -4.50
N LEU C 22 20.86 11.17 -4.58
CA LEU C 22 20.46 9.78 -4.44
C LEU C 22 21.08 8.93 -5.55
N ALA C 23 21.00 9.41 -6.80
CA ALA C 23 21.56 8.67 -7.93
C ALA C 23 22.99 8.24 -7.67
N GLN C 24 23.80 9.17 -7.16
CA GLN C 24 25.21 8.89 -6.86
C GLN C 24 25.27 7.90 -5.73
N LYS C 25 24.76 8.30 -4.58
CA LYS C 25 24.73 7.46 -3.38
C LYS C 25 24.19 6.05 -3.56
N PHE C 26 23.21 5.86 -4.44
CA PHE C 26 22.63 4.52 -4.62
C PHE C 26 22.75 3.88 -5.99
N ASN C 27 23.60 4.47 -6.82
CA ASN C 27 23.86 3.94 -8.17
C ASN C 27 22.60 3.87 -9.01
N GLY C 28 22.11 5.01 -9.46
CA GLY C 28 20.90 4.98 -10.26
C GLY C 28 20.96 6.02 -11.36
N GLU C 29 19.92 6.05 -12.18
CA GLU C 29 19.83 7.01 -13.27
C GLU C 29 18.50 7.73 -13.23
N VAL C 30 18.51 9.02 -13.56
CA VAL C 30 17.31 9.85 -13.54
C VAL C 30 16.42 9.66 -14.77
N ILE C 31 15.11 9.80 -14.55
CA ILE C 31 14.12 9.67 -15.62
C ILE C 31 13.19 10.85 -15.45
N ASN C 32 13.24 11.82 -16.35
CA ASN C 32 12.37 12.98 -16.21
C ASN C 32 10.90 12.66 -16.43
N SER C 33 10.03 13.33 -15.68
CA SER C 33 8.60 13.11 -15.82
C SER C 33 7.91 14.43 -16.04
N ASP C 34 8.70 15.48 -16.27
CA ASP C 34 8.14 16.79 -16.53
C ASP C 34 7.62 16.86 -17.96
N SER C 35 6.32 17.12 -18.12
CA SER C 35 5.74 17.16 -19.46
C SER C 35 6.32 18.26 -20.35
N MET C 36 6.97 19.25 -19.78
CA MET C 36 7.55 20.27 -20.62
C MET C 36 9.05 20.09 -20.82
N GLN C 37 9.71 19.35 -19.94
CA GLN C 37 11.15 19.16 -20.10
C GLN C 37 11.46 18.09 -21.12
N VAL C 38 10.41 17.51 -21.71
CA VAL C 38 10.62 16.49 -22.71
C VAL C 38 10.89 17.09 -24.07
N TYR C 39 10.76 18.41 -24.19
CA TYR C 39 10.99 19.08 -25.47
C TYR C 39 12.42 19.47 -25.68
N LYS C 40 12.76 19.74 -26.94
CA LYS C 40 14.11 20.12 -27.32
C LYS C 40 14.50 21.52 -26.85
N ASP C 41 15.77 21.65 -26.47
CA ASP C 41 16.33 22.92 -26.03
C ASP C 41 15.42 23.66 -25.05
N ILE C 42 15.38 24.98 -25.20
CA ILE C 42 14.55 25.85 -24.37
C ILE C 42 14.70 25.49 -22.89
N PRO C 43 15.94 25.29 -22.41
CA PRO C 43 16.24 24.91 -21.03
C PRO C 43 15.99 25.94 -19.93
N ILE C 44 16.27 27.22 -20.19
CA ILE C 44 16.05 28.24 -19.17
C ILE C 44 14.61 28.30 -18.65
N ILE C 45 13.64 28.50 -19.54
CA ILE C 45 12.24 28.62 -19.12
C ILE C 45 11.60 27.29 -18.74
N THR C 46 12.08 26.21 -19.36
CA THR C 46 11.58 24.87 -19.07
C THR C 46 12.33 24.33 -17.86
N ASN C 47 13.15 25.18 -17.27
CA ASN C 47 13.96 24.88 -16.10
C ASN C 47 14.60 23.50 -16.05
N LYS C 48 15.43 23.16 -17.04
CA LYS C 48 16.09 21.87 -17.05
C LYS C 48 17.29 21.96 -16.12
N HIS C 49 17.60 20.87 -15.43
CA HIS C 49 18.74 20.86 -14.52
C HIS C 49 20.03 20.83 -15.37
N PRO C 50 20.87 21.88 -15.27
CA PRO C 50 22.14 21.99 -16.02
C PRO C 50 23.02 20.74 -15.99
N LEU C 51 23.69 20.44 -17.09
CA LEU C 51 24.55 19.26 -17.13
C LEU C 51 25.69 19.30 -16.13
N GLN C 52 26.40 20.41 -16.06
CA GLN C 52 27.52 20.50 -15.14
C GLN C 52 27.11 20.43 -13.68
N GLU C 53 25.91 19.91 -13.47
CA GLU C 53 25.36 19.77 -12.13
C GLU C 53 24.65 18.43 -12.03
N ARG C 54 24.96 17.53 -12.96
CA ARG C 54 24.37 16.21 -12.97
C ARG C 54 25.38 15.15 -12.61
N GLU C 55 26.59 15.57 -12.28
CA GLU C 55 27.67 14.65 -11.90
C GLU C 55 27.77 13.48 -12.88
N GLY C 56 27.33 13.71 -14.11
CA GLY C 56 27.40 12.66 -15.11
C GLY C 56 26.30 11.62 -14.98
N ILE C 57 25.37 11.84 -14.07
CA ILE C 57 24.29 10.90 -13.88
C ILE C 57 23.40 10.88 -15.14
N PRO C 58 23.19 9.70 -15.72
CA PRO C 58 22.36 9.54 -16.92
C PRO C 58 20.94 10.08 -16.72
N HIS C 59 20.35 10.64 -17.76
CA HIS C 59 18.97 11.14 -17.68
C HIS C 59 18.20 10.55 -18.84
N HIS C 60 16.93 10.24 -18.64
CA HIS C 60 16.12 9.66 -19.71
C HIS C 60 14.80 10.39 -19.92
N VAL C 61 14.11 10.04 -20.99
CA VAL C 61 12.81 10.65 -21.31
C VAL C 61 12.84 12.15 -21.04
N MET C 62 13.85 12.83 -21.53
CA MET C 62 13.98 14.26 -21.29
C MET C 62 14.70 14.94 -22.44
N ASN C 63 14.11 16.00 -22.97
CA ASN C 63 14.70 16.77 -24.09
C ASN C 63 14.99 15.88 -25.32
N HIS C 64 13.96 15.60 -26.09
CA HIS C 64 14.11 14.74 -27.24
C HIS C 64 12.91 14.90 -28.17
N VAL C 65 11.90 15.62 -27.68
CA VAL C 65 10.70 15.82 -28.47
C VAL C 65 10.85 17.12 -29.26
N ASP C 66 10.47 17.05 -30.54
CA ASP C 66 10.53 18.21 -31.43
C ASP C 66 9.32 19.11 -31.21
N TRP C 67 9.54 20.42 -31.26
CA TRP C 67 8.47 21.39 -31.05
C TRP C 67 7.27 21.16 -31.93
N SER C 68 7.43 20.28 -32.93
CA SER C 68 6.39 19.95 -33.88
C SER C 68 5.53 18.77 -33.42
N GLU C 69 6.01 18.06 -32.39
CA GLU C 69 5.32 16.90 -31.84
C GLU C 69 4.49 17.28 -30.61
N GLU C 70 3.56 16.40 -30.28
CA GLU C 70 2.69 16.60 -29.13
C GLU C 70 2.78 15.43 -28.15
N TYR C 71 3.67 15.55 -27.16
CA TYR C 71 3.88 14.53 -26.13
C TYR C 71 2.58 14.29 -25.34
N TYR C 72 2.48 13.14 -24.68
CA TYR C 72 1.29 12.81 -23.91
C TYR C 72 1.52 11.58 -23.03
N SER C 73 0.50 11.21 -22.26
CA SER C 73 0.56 10.06 -21.34
C SER C 73 1.21 8.81 -21.89
N HIS C 74 0.52 8.12 -22.79
CA HIS C 74 1.09 6.91 -23.34
C HIS C 74 2.52 7.08 -23.86
N ARG C 75 2.76 8.17 -24.58
CA ARG C 75 4.10 8.43 -25.10
C ARG C 75 5.09 8.33 -23.93
N PHE C 76 4.64 8.75 -22.76
CA PHE C 76 5.48 8.71 -21.56
C PHE C 76 5.50 7.30 -20.99
N GLU C 77 4.36 6.64 -20.99
CA GLU C 77 4.26 5.29 -20.45
C GLU C 77 5.24 4.33 -21.12
N THR C 78 5.30 4.39 -22.44
CA THR C 78 6.20 3.51 -23.18
C THR C 78 7.65 3.93 -22.95
N GLU C 79 7.92 5.23 -23.09
CA GLU C 79 9.28 5.78 -22.91
C GLU C 79 9.83 5.58 -21.48
N CYS C 80 9.02 5.95 -20.50
CA CYS C 80 9.40 5.80 -19.10
C CYS C 80 9.59 4.34 -18.76
N MET C 81 8.72 3.50 -19.30
CA MET C 81 8.83 2.08 -19.02
C MET C 81 10.13 1.50 -19.58
N ASN C 82 10.49 1.87 -20.80
CA ASN C 82 11.73 1.36 -21.39
C ASN C 82 12.90 1.73 -20.50
N ALA C 83 13.01 3.00 -20.16
CA ALA C 83 14.10 3.47 -19.32
C ALA C 83 14.23 2.60 -18.06
N ILE C 84 13.08 2.30 -17.43
CA ILE C 84 13.04 1.49 -16.22
C ILE C 84 13.71 0.15 -16.49
N GLU C 85 13.12 -0.59 -17.43
CA GLU C 85 13.61 -1.91 -17.84
C GLU C 85 15.12 -1.82 -18.10
N ASP C 86 15.51 -0.95 -19.02
CA ASP C 86 16.89 -0.76 -19.39
C ASP C 86 17.78 -0.50 -18.18
N ILE C 87 17.42 0.46 -17.36
CA ILE C 87 18.22 0.77 -16.19
C ILE C 87 18.33 -0.43 -15.24
N HIS C 88 17.23 -1.15 -15.08
CA HIS C 88 17.19 -2.31 -14.21
C HIS C 88 18.10 -3.44 -14.67
N ARG C 89 17.96 -3.82 -15.93
CA ARG C 89 18.77 -4.89 -16.46
C ARG C 89 20.25 -4.51 -16.49
N ARG C 90 20.61 -3.37 -15.92
CA ARG C 90 22.00 -2.98 -15.86
C ARG C 90 22.44 -2.81 -14.41
N GLY C 91 21.69 -3.42 -13.49
CA GLY C 91 22.04 -3.34 -12.08
C GLY C 91 21.87 -1.97 -11.45
N LYS C 92 21.16 -1.09 -12.15
CA LYS C 92 20.93 0.26 -11.68
C LYS C 92 19.51 0.49 -11.20
N ILE C 93 19.35 1.51 -10.36
CA ILE C 93 18.05 1.85 -9.81
C ILE C 93 17.48 3.14 -10.44
N PRO C 94 16.31 3.05 -11.09
CA PRO C 94 15.67 4.19 -11.75
C PRO C 94 15.20 5.24 -10.75
N ILE C 95 15.19 6.50 -11.17
CA ILE C 95 14.73 7.58 -10.31
C ILE C 95 13.93 8.57 -11.13
N VAL C 96 12.60 8.44 -11.10
CA VAL C 96 11.75 9.34 -11.86
C VAL C 96 11.46 10.65 -11.11
N VAL C 97 11.81 11.78 -11.72
CA VAL C 97 11.63 13.10 -11.11
C VAL C 97 10.84 14.05 -12.02
N GLY C 98 9.92 14.82 -11.43
CA GLY C 98 9.14 15.76 -12.21
C GLY C 98 7.96 16.38 -11.47
N GLY C 99 7.32 17.36 -12.12
CA GLY C 99 6.17 18.05 -11.54
C GLY C 99 4.87 17.58 -12.15
N THR C 100 4.95 16.87 -13.27
CA THR C 100 3.76 16.35 -13.92
C THR C 100 3.38 15.03 -13.25
N HIS C 101 2.82 15.14 -12.04
CA HIS C 101 2.42 13.96 -11.27
C HIS C 101 1.37 13.12 -11.95
N TYR C 102 0.64 13.74 -12.87
CA TYR C 102 -0.39 13.04 -13.61
C TYR C 102 0.20 11.81 -14.31
N TYR C 103 1.38 11.97 -14.92
CA TYR C 103 2.03 10.87 -15.62
C TYR C 103 2.38 9.71 -14.70
N LEU C 104 2.65 10.04 -13.44
CA LEU C 104 3.00 9.01 -12.47
C LEU C 104 1.99 7.87 -12.45
N GLN C 105 0.78 8.12 -12.93
CA GLN C 105 -0.27 7.09 -12.93
C GLN C 105 0.19 5.83 -13.68
N THR C 106 1.09 6.02 -14.63
CA THR C 106 1.58 4.90 -15.39
C THR C 106 2.24 3.90 -14.45
N LEU C 107 2.82 4.39 -13.35
CA LEU C 107 3.50 3.50 -12.41
C LEU C 107 2.60 2.51 -11.70
N PHE C 108 1.29 2.58 -11.98
CA PHE C 108 0.33 1.66 -11.37
C PHE C 108 -0.92 1.45 -12.19
N ASN C 109 -0.71 1.16 -13.48
CA ASN C 109 -1.78 0.90 -14.44
C ASN C 109 -3.04 1.72 -14.22
N LYS C 110 -2.93 3.03 -14.35
CA LYS C 110 -4.10 3.87 -14.17
C LYS C 110 -4.37 4.52 -15.52
N ARG C 111 -4.51 3.72 -16.57
CA ARG C 111 -4.79 4.24 -17.89
C ARG C 111 -5.53 3.21 -18.74
N VAL C 112 -5.95 3.60 -19.93
CA VAL C 112 -6.67 2.69 -20.81
C VAL C 112 -5.97 2.59 -22.15
N ASP C 113 -5.44 1.40 -22.46
CA ASP C 113 -4.76 1.18 -23.73
C ASP C 113 -5.76 1.05 -24.87
N THR C 114 -5.78 2.06 -25.74
CA THR C 114 -6.69 2.08 -26.88
C THR C 114 -5.97 2.11 -28.22
N LYS C 115 -4.67 1.84 -28.20
CA LYS C 115 -3.88 1.80 -29.42
C LYS C 115 -3.93 0.40 -30.01
N SER C 116 -3.61 -0.60 -29.19
CA SER C 116 -3.63 -2.00 -29.63
C SER C 116 -5.06 -2.44 -29.90
N SER C 117 -6.01 -1.57 -29.56
CA SER C 117 -7.42 -1.85 -29.76
C SER C 117 -7.89 -1.19 -31.07
N GLU C 118 -7.43 -1.72 -32.19
CA GLU C 118 -7.80 -1.19 -33.51
C GLU C 118 -9.27 -1.35 -33.79
N ARG C 119 -9.84 -0.37 -34.47
CA ARG C 119 -11.26 -0.40 -34.80
C ARG C 119 -11.58 0.81 -35.65
N LYS C 120 -11.78 0.60 -36.95
CA LYS C 120 -12.10 1.70 -37.83
C LYS C 120 -13.37 2.42 -37.39
N LEU C 121 -13.21 3.64 -36.87
CA LEU C 121 -14.36 4.41 -36.43
C LEU C 121 -15.35 4.61 -37.57
N THR C 122 -16.65 4.57 -37.24
CA THR C 122 -17.71 4.74 -38.22
C THR C 122 -18.04 6.21 -38.52
N ARG C 123 -18.53 6.46 -39.73
CA ARG C 123 -18.91 7.78 -40.19
C ARG C 123 -19.86 8.34 -39.15
N LYS C 124 -20.74 7.46 -38.65
CA LYS C 124 -21.73 7.83 -37.65
C LYS C 124 -21.06 8.16 -36.33
N GLN C 125 -20.09 7.34 -35.95
CA GLN C 125 -19.37 7.53 -34.70
C GLN C 125 -18.52 8.79 -34.75
N LEU C 126 -17.68 8.88 -35.77
CA LEU C 126 -16.82 10.04 -35.94
C LEU C 126 -17.59 11.35 -35.97
N ASP C 127 -18.62 11.40 -36.81
CA ASP C 127 -19.43 12.60 -36.95
C ASP C 127 -19.92 13.10 -35.59
N ILE C 128 -19.95 12.19 -34.61
CA ILE C 128 -20.38 12.56 -33.27
C ILE C 128 -19.18 13.08 -32.48
N LEU C 129 -18.07 12.36 -32.53
CA LEU C 129 -16.88 12.78 -31.81
C LEU C 129 -16.39 14.15 -32.24
N GLU C 130 -16.22 14.31 -33.54
CA GLU C 130 -15.74 15.56 -34.06
C GLU C 130 -16.91 16.48 -34.39
N SER C 131 -17.99 16.35 -33.64
CA SER C 131 -19.16 17.18 -33.87
C SER C 131 -18.87 18.63 -33.55
N THR C 132 -19.44 19.53 -34.36
CA THR C 132 -19.26 20.97 -34.18
C THR C 132 -20.19 21.49 -33.09
N ASP C 133 -21.22 20.69 -32.76
CA ASP C 133 -22.19 21.05 -31.73
C ASP C 133 -21.53 21.12 -30.35
N PRO C 134 -22.01 22.02 -29.47
CA PRO C 134 -21.47 22.19 -28.12
C PRO C 134 -21.61 21.01 -27.16
N ASP C 135 -22.86 20.71 -26.78
CA ASP C 135 -23.12 19.62 -25.85
C ASP C 135 -23.89 18.47 -26.47
N VAL C 136 -23.43 17.97 -27.60
CA VAL C 136 -24.13 16.86 -28.26
C VAL C 136 -23.38 15.56 -27.99
N ILE C 137 -22.06 15.63 -28.00
CA ILE C 137 -21.22 14.47 -27.76
C ILE C 137 -21.44 13.94 -26.35
N TYR C 138 -21.81 14.83 -25.44
CA TYR C 138 -22.06 14.43 -24.07
C TYR C 138 -23.32 13.59 -24.01
N ASN C 139 -24.38 14.06 -24.67
CA ASN C 139 -25.65 13.34 -24.70
C ASN C 139 -25.48 11.92 -25.22
N THR C 140 -24.55 11.78 -26.16
CA THR C 140 -24.26 10.49 -26.76
C THR C 140 -23.68 9.58 -25.70
N LEU C 141 -22.79 10.13 -24.89
CA LEU C 141 -22.16 9.37 -23.82
C LEU C 141 -23.18 8.96 -22.75
N VAL C 142 -24.05 9.88 -22.39
CA VAL C 142 -25.07 9.60 -21.39
C VAL C 142 -25.93 8.45 -21.88
N LYS C 143 -26.10 8.40 -23.20
CA LYS C 143 -26.92 7.38 -23.81
C LYS C 143 -26.27 6.01 -23.66
N CYS C 144 -25.00 5.90 -24.02
CA CYS C 144 -24.30 4.62 -23.89
C CYS C 144 -23.36 4.68 -22.68
N ASP C 145 -23.72 4.00 -21.61
CA ASP C 145 -22.93 3.98 -20.37
C ASP C 145 -23.06 5.31 -19.62
N PRO C 146 -24.22 5.55 -19.00
CA PRO C 146 -24.46 6.78 -18.25
C PRO C 146 -23.73 6.81 -16.93
N ASP C 147 -23.18 5.68 -16.53
CA ASP C 147 -22.48 5.64 -15.27
C ASP C 147 -21.12 6.29 -15.35
N ILE C 148 -20.70 6.65 -16.54
CA ILE C 148 -19.41 7.30 -16.68
C ILE C 148 -19.65 8.76 -17.00
N ALA C 149 -20.75 9.04 -17.67
CA ALA C 149 -21.10 10.40 -18.05
C ALA C 149 -21.43 11.24 -16.84
N THR C 150 -21.90 10.59 -15.79
CA THR C 150 -22.25 11.28 -14.56
C THR C 150 -21.02 11.76 -13.79
N LYS C 151 -19.87 11.16 -14.09
CA LYS C 151 -18.64 11.55 -13.41
C LYS C 151 -17.95 12.71 -14.10
N TYR C 152 -18.59 13.27 -15.11
CA TYR C 152 -18.03 14.38 -15.84
C TYR C 152 -19.06 15.48 -16.07
N HIS C 153 -18.62 16.72 -16.08
CA HIS C 153 -19.52 17.82 -16.33
C HIS C 153 -19.76 17.90 -17.84
N PRO C 154 -20.99 18.23 -18.27
CA PRO C 154 -21.31 18.31 -19.71
C PRO C 154 -20.46 19.31 -20.53
N ASN C 155 -19.60 20.04 -19.84
CA ASN C 155 -18.72 21.02 -20.50
C ASN C 155 -17.28 20.52 -20.63
N ASP C 156 -16.95 19.44 -19.91
CA ASP C 156 -15.60 18.90 -19.95
C ASP C 156 -15.42 18.18 -21.29
N TYR C 157 -15.44 18.97 -22.36
CA TYR C 157 -15.29 18.46 -23.71
C TYR C 157 -14.13 17.48 -23.86
N ARG C 158 -12.92 17.94 -23.55
CA ARG C 158 -11.71 17.11 -23.67
C ARG C 158 -11.87 15.70 -23.12
N ARG C 159 -12.43 15.62 -21.92
CA ARG C 159 -12.62 14.36 -21.24
C ARG C 159 -13.84 13.59 -21.69
N VAL C 160 -14.98 14.27 -21.80
CA VAL C 160 -16.20 13.60 -22.23
C VAL C 160 -15.97 12.93 -23.57
N GLN C 161 -15.20 13.60 -24.41
CA GLN C 161 -14.86 13.10 -25.73
C GLN C 161 -14.01 11.85 -25.61
N ARG C 162 -13.01 11.92 -24.74
CA ARG C 162 -12.11 10.80 -24.53
C ARG C 162 -12.88 9.57 -24.09
N MET C 163 -13.78 9.77 -23.13
CA MET C 163 -14.55 8.65 -22.63
C MET C 163 -15.31 7.94 -23.75
N LEU C 164 -16.00 8.73 -24.57
CA LEU C 164 -16.79 8.21 -25.70
C LEU C 164 -15.86 7.54 -26.69
N GLU C 165 -14.70 8.14 -26.89
CA GLU C 165 -13.69 7.62 -27.80
C GLU C 165 -13.32 6.21 -27.37
N ILE C 166 -13.23 6.01 -26.06
CA ILE C 166 -12.87 4.70 -25.51
C ILE C 166 -13.99 3.71 -25.75
N TYR C 167 -15.21 4.12 -25.43
CA TYR C 167 -16.38 3.28 -25.62
C TYR C 167 -16.44 2.72 -27.05
N TYR C 168 -15.99 3.53 -28.00
CA TYR C 168 -15.99 3.12 -29.40
C TYR C 168 -14.85 2.17 -29.73
N LYS C 169 -13.61 2.65 -29.58
CA LYS C 169 -12.44 1.83 -29.89
C LYS C 169 -12.37 0.51 -29.16
N THR C 170 -12.91 0.45 -27.95
CA THR C 170 -12.87 -0.78 -27.15
C THR C 170 -14.21 -1.51 -27.15
N GLY C 171 -15.26 -0.82 -27.57
CA GLY C 171 -16.58 -1.45 -27.61
C GLY C 171 -17.01 -1.89 -26.22
N LYS C 172 -16.29 -1.41 -25.21
CA LYS C 172 -16.57 -1.75 -23.82
C LYS C 172 -16.83 -0.49 -23.00
N LYS C 173 -17.90 -0.49 -22.21
CA LYS C 173 -18.24 0.66 -21.39
C LYS C 173 -17.00 1.10 -20.60
N PRO C 174 -16.63 2.38 -20.71
CA PRO C 174 -15.47 2.88 -19.98
C PRO C 174 -15.67 2.76 -18.48
N SER C 175 -16.90 2.99 -18.00
CA SER C 175 -17.16 2.86 -16.57
C SER C 175 -16.77 1.47 -16.10
N GLU C 176 -17.20 0.46 -16.83
CA GLU C 176 -16.89 -0.93 -16.50
C GLU C 176 -15.38 -1.17 -16.50
N THR C 177 -14.73 -0.69 -17.55
CA THR C 177 -13.28 -0.84 -17.72
C THR C 177 -12.54 -0.38 -16.47
N PHE C 178 -13.07 0.65 -15.83
CA PHE C 178 -12.47 1.19 -14.62
C PHE C 178 -12.71 0.27 -13.42
N ASN C 179 -13.96 -0.16 -13.22
CA ASN C 179 -14.26 -1.05 -12.10
C ASN C 179 -13.46 -2.32 -12.15
N GLU C 180 -12.93 -2.64 -13.33
CA GLU C 180 -12.14 -3.84 -13.51
C GLU C 180 -10.65 -3.58 -13.39
N GLN C 181 -10.24 -2.30 -13.39
CA GLN C 181 -8.83 -1.97 -13.27
C GLN C 181 -8.28 -2.49 -11.98
N LYS C 182 -7.04 -2.96 -12.01
CA LYS C 182 -6.42 -3.50 -10.81
C LYS C 182 -5.81 -2.36 -9.99
N ILE C 183 -5.26 -1.38 -10.71
CA ILE C 183 -4.65 -0.21 -10.10
C ILE C 183 -3.55 -0.55 -9.09
N THR C 184 -2.80 -1.61 -9.37
CA THR C 184 -1.72 -2.04 -8.49
C THR C 184 -0.41 -1.40 -8.89
N LEU C 185 0.38 -1.07 -7.88
CA LEU C 185 1.66 -0.44 -8.11
C LEU C 185 2.60 -1.35 -8.89
N LYS C 186 3.26 -0.76 -9.87
CA LYS C 186 4.20 -1.50 -10.68
C LYS C 186 5.60 -1.32 -10.06
N PHE C 187 6.32 -2.41 -9.84
CA PHE C 187 7.64 -2.39 -9.25
C PHE C 187 7.54 -1.95 -7.80
N ASP C 188 8.52 -2.34 -7.00
CA ASP C 188 8.53 -1.96 -5.62
C ASP C 188 8.95 -0.49 -5.60
N THR C 189 7.96 0.40 -5.65
CA THR C 189 8.22 1.82 -5.70
C THR C 189 8.28 2.56 -4.36
N LEU C 190 9.12 3.58 -4.29
CA LEU C 190 9.27 4.37 -3.08
C LEU C 190 8.93 5.83 -3.39
N PHE C 191 7.79 6.31 -2.92
CA PHE C 191 7.44 7.69 -3.20
C PHE C 191 7.97 8.70 -2.18
N LEU C 192 8.85 9.59 -2.64
CA LEU C 192 9.42 10.65 -1.80
C LEU C 192 8.77 11.98 -2.21
N TRP C 193 8.14 12.66 -1.25
CA TRP C 193 7.49 13.94 -1.52
C TRP C 193 8.27 15.05 -0.87
N LEU C 194 8.88 15.91 -1.69
CA LEU C 194 9.66 17.02 -1.16
C LEU C 194 8.67 18.18 -1.06
N TYR C 195 8.47 18.70 0.15
CA TYR C 195 7.50 19.76 0.39
C TYR C 195 8.10 20.96 1.07
N SER C 196 7.43 22.09 0.91
CA SER C 196 7.85 23.34 1.52
C SER C 196 6.66 24.27 1.75
N LYS C 197 6.58 24.88 2.92
CA LYS C 197 5.45 25.78 3.18
C LYS C 197 5.27 26.68 1.98
N PRO C 198 4.02 26.97 1.64
CA PRO C 198 3.73 27.83 0.49
C PRO C 198 4.37 29.21 0.49
N GLU C 199 4.38 29.89 1.64
CA GLU C 199 4.95 31.23 1.67
C GLU C 199 6.41 31.25 1.25
N PRO C 200 7.28 30.60 2.04
CA PRO C 200 8.69 30.59 1.68
C PRO C 200 8.91 30.16 0.23
N LEU C 201 8.16 29.15 -0.20
CA LEU C 201 8.27 28.66 -1.57
C LEU C 201 7.91 29.74 -2.57
N PHE C 202 6.73 30.30 -2.41
CA PHE C 202 6.29 31.35 -3.31
C PHE C 202 7.35 32.41 -3.49
N GLN C 203 8.07 32.72 -2.43
CA GLN C 203 9.09 33.73 -2.55
C GLN C 203 10.16 33.26 -3.52
N ARG C 204 10.71 32.07 -3.24
CA ARG C 204 11.73 31.46 -4.08
C ARG C 204 11.24 31.34 -5.51
N LEU C 205 10.01 30.87 -5.68
CA LEU C 205 9.46 30.71 -7.02
C LEU C 205 9.40 32.02 -7.79
N ASP C 206 9.32 33.13 -7.06
CA ASP C 206 9.28 34.43 -7.71
C ASP C 206 10.68 34.85 -8.13
N ASP C 207 11.60 34.84 -7.19
CA ASP C 207 12.97 35.22 -7.48
C ASP C 207 13.53 34.30 -8.54
N ARG C 208 13.17 33.03 -8.48
CA ARG C 208 13.70 32.12 -9.48
C ARG C 208 13.15 32.45 -10.85
N VAL C 209 12.21 33.38 -10.88
CA VAL C 209 11.65 33.82 -12.16
C VAL C 209 12.45 35.03 -12.61
N ASP C 210 12.93 35.81 -11.65
CA ASP C 210 13.72 37.00 -11.95
C ASP C 210 15.02 36.61 -12.61
N ASP C 211 15.90 35.98 -11.84
CA ASP C 211 17.19 35.58 -12.38
C ASP C 211 17.04 34.54 -13.49
N MET C 212 15.78 34.21 -13.79
CA MET C 212 15.52 33.26 -14.84
C MET C 212 15.59 34.02 -16.17
N LEU C 213 15.22 35.31 -16.11
CA LEU C 213 15.27 36.20 -17.27
C LEU C 213 16.70 36.70 -17.40
N GLU C 214 17.32 36.97 -16.25
CA GLU C 214 18.70 37.42 -16.21
C GLU C 214 19.62 36.41 -16.90
N ARG C 215 19.29 35.14 -16.77
CA ARG C 215 20.09 34.10 -17.42
C ARG C 215 19.84 34.11 -18.93
N GLY C 216 18.94 34.96 -19.39
CA GLY C 216 18.68 35.00 -20.82
C GLY C 216 17.45 34.21 -21.23
N ALA C 217 16.35 34.45 -20.52
CA ALA C 217 15.10 33.77 -20.82
C ALA C 217 14.48 34.39 -22.07
N LEU C 218 14.48 35.72 -22.11
CA LEU C 218 13.92 36.47 -23.23
C LEU C 218 14.46 35.95 -24.55
N GLN C 219 15.72 35.49 -24.54
CA GLN C 219 16.34 34.97 -25.76
C GLN C 219 15.61 33.70 -26.22
N GLU C 220 15.24 32.86 -25.26
CA GLU C 220 14.53 31.62 -25.55
C GLU C 220 13.08 31.93 -25.90
N ILE C 221 12.58 33.01 -25.32
CA ILE C 221 11.22 33.43 -25.57
C ILE C 221 11.09 33.94 -27.02
N LYS C 222 12.01 34.81 -27.43
CA LYS C 222 11.99 35.36 -28.79
C LYS C 222 12.16 34.21 -29.77
N GLN C 223 13.06 33.29 -29.43
CA GLN C 223 13.32 32.13 -30.24
C GLN C 223 12.03 31.36 -30.42
N LEU C 224 11.33 31.14 -29.32
CA LEU C 224 10.06 30.44 -29.35
C LEU C 224 9.03 31.23 -30.15
N TYR C 225 9.20 32.55 -30.18
CA TYR C 225 8.30 33.44 -30.90
C TYR C 225 8.63 33.41 -32.40
N GLU C 226 9.89 33.22 -32.70
CA GLU C 226 10.30 33.14 -34.09
C GLU C 226 9.61 31.91 -34.69
N TYR C 227 9.70 30.78 -33.98
CA TYR C 227 9.08 29.53 -34.44
C TYR C 227 7.56 29.69 -34.42
N TYR C 228 7.08 30.37 -33.38
CA TYR C 228 5.66 30.65 -33.21
C TYR C 228 5.24 31.40 -34.46
N SER C 229 6.05 32.39 -34.82
CA SER C 229 5.84 33.19 -36.01
C SER C 229 6.34 32.37 -37.19
N GLN C 230 6.24 32.91 -38.40
CA GLN C 230 6.70 32.16 -39.56
C GLN C 230 6.04 30.78 -39.57
N ASN C 231 4.92 30.68 -38.87
CA ASN C 231 4.18 29.42 -38.79
C ASN C 231 2.70 29.71 -38.69
N LYS C 232 2.36 30.99 -38.77
CA LYS C 232 0.98 31.47 -38.69
C LYS C 232 0.22 30.83 -37.51
N PHE C 233 0.76 31.02 -36.31
CA PHE C 233 0.16 30.46 -35.11
C PHE C 233 -0.62 31.51 -34.33
N THR C 234 -1.83 31.15 -33.90
CA THR C 234 -2.68 32.04 -33.12
C THR C 234 -2.56 31.65 -31.65
N PRO C 235 -2.89 32.58 -30.74
CA PRO C 235 -2.81 32.27 -29.31
C PRO C 235 -3.55 31.01 -28.87
N GLU C 236 -4.66 30.70 -29.53
CA GLU C 236 -5.41 29.49 -29.18
C GLU C 236 -4.59 28.22 -29.41
N GLN C 237 -3.38 28.40 -29.92
CA GLN C 237 -2.52 27.25 -30.16
C GLN C 237 -1.80 26.92 -28.87
N CYS C 238 -1.75 27.88 -27.94
CA CYS C 238 -1.08 27.68 -26.66
C CYS C 238 -1.78 26.70 -25.73
N GLU C 239 -2.37 25.68 -26.32
CA GLU C 239 -3.06 24.65 -25.55
C GLU C 239 -2.50 23.31 -25.95
N ASN C 240 -1.51 23.34 -26.84
CA ASN C 240 -0.88 22.12 -27.36
C ASN C 240 0.64 22.16 -27.22
N GLY C 241 1.25 20.98 -27.17
CA GLY C 241 2.70 20.86 -27.06
C GLY C 241 3.41 21.88 -26.20
N VAL C 242 4.62 22.24 -26.61
CA VAL C 242 5.43 23.20 -25.87
C VAL C 242 4.69 24.50 -25.65
N TRP C 243 3.74 24.79 -26.53
CA TRP C 243 3.00 26.04 -26.44
C TRP C 243 2.25 26.22 -25.13
N GLN C 244 2.29 25.18 -24.29
CA GLN C 244 1.62 25.26 -23.01
C GLN C 244 2.57 25.77 -21.94
N VAL C 245 3.87 25.60 -22.17
CA VAL C 245 4.88 26.01 -21.20
C VAL C 245 4.62 27.35 -20.53
N ILE C 246 5.01 27.46 -19.27
CA ILE C 246 4.85 28.69 -18.51
C ILE C 246 6.13 29.48 -18.69
N GLY C 247 6.08 30.45 -19.60
CA GLY C 247 7.24 31.28 -19.87
C GLY C 247 7.18 31.85 -21.28
N PHE C 248 6.18 31.44 -22.04
CA PHE C 248 6.02 31.93 -23.40
C PHE C 248 4.67 32.62 -23.54
N LYS C 249 3.59 31.84 -23.61
CA LYS C 249 2.25 32.41 -23.76
C LYS C 249 1.99 33.66 -22.91
N GLU C 250 2.65 33.76 -21.75
CA GLU C 250 2.47 34.92 -20.87
C GLU C 250 3.02 36.20 -21.47
N PHE C 251 4.00 36.08 -22.36
CA PHE C 251 4.60 37.26 -22.98
C PHE C 251 4.05 37.55 -24.38
N LEU C 252 3.11 36.73 -24.84
CA LEU C 252 2.53 36.93 -26.16
C LEU C 252 2.02 38.37 -26.38
N PRO C 253 1.32 38.95 -25.40
CA PRO C 253 0.82 40.33 -25.57
C PRO C 253 1.95 41.34 -25.69
N TRP C 254 3.09 41.01 -25.10
CA TRP C 254 4.24 41.89 -25.17
C TRP C 254 4.87 41.78 -26.55
N LEU C 255 4.32 40.89 -27.37
CA LEU C 255 4.81 40.67 -28.72
C LEU C 255 3.68 41.06 -29.66
N THR C 256 2.71 41.79 -29.12
CA THR C 256 1.56 42.25 -29.88
C THR C 256 1.03 41.12 -30.77
N VAL C 264 8.06 48.31 -20.19
CA VAL C 264 6.92 49.03 -19.63
C VAL C 264 5.74 48.08 -19.36
N LYS C 265 5.40 47.28 -20.38
CA LYS C 265 4.30 46.32 -20.30
C LYS C 265 4.89 44.91 -20.21
N LEU C 266 6.18 44.80 -20.49
CA LEU C 266 6.85 43.50 -20.39
C LEU C 266 6.83 43.13 -18.92
N GLU C 267 6.90 44.16 -18.09
CA GLU C 267 6.89 43.99 -16.65
C GLU C 267 5.64 43.26 -16.22
N ASP C 268 4.55 43.48 -16.94
CA ASP C 268 3.28 42.82 -16.64
C ASP C 268 3.37 41.35 -17.02
N CYS C 269 3.87 41.07 -18.21
CA CYS C 269 3.98 39.69 -18.65
C CYS C 269 4.81 38.87 -17.69
N ILE C 270 5.72 39.53 -16.99
CA ILE C 270 6.57 38.86 -16.02
C ILE C 270 5.74 38.53 -14.79
N GLU C 271 4.93 39.49 -14.33
CA GLU C 271 4.07 39.27 -13.17
C GLU C 271 3.11 38.15 -13.48
N ARG C 272 2.45 38.23 -14.63
CA ARG C 272 1.51 37.21 -15.06
C ARG C 272 2.17 35.83 -15.01
N MET C 273 3.46 35.77 -15.35
CA MET C 273 4.21 34.53 -15.33
C MET C 273 4.42 34.07 -13.90
N LYS C 274 4.84 35.00 -13.04
CA LYS C 274 5.06 34.66 -11.65
C LYS C 274 3.79 34.08 -11.02
N THR C 275 2.65 34.53 -11.52
CA THR C 275 1.37 34.06 -11.00
C THR C 275 1.07 32.67 -11.48
N ARG C 276 1.19 32.44 -12.78
CA ARG C 276 0.93 31.12 -13.31
C ARG C 276 1.76 30.06 -12.58
N THR C 277 3.03 30.40 -12.31
CA THR C 277 3.96 29.49 -11.62
C THR C 277 3.41 29.20 -10.24
N ARG C 278 3.00 30.25 -9.54
CA ARG C 278 2.46 30.16 -8.19
C ARG C 278 1.27 29.21 -8.19
N GLN C 279 0.32 29.45 -9.09
CA GLN C 279 -0.86 28.61 -9.22
C GLN C 279 -0.48 27.15 -9.50
N TYR C 280 0.49 26.95 -10.39
CA TYR C 280 0.96 25.62 -10.73
C TYR C 280 1.41 24.85 -9.50
N ALA C 281 2.18 25.52 -8.66
CA ALA C 281 2.69 24.89 -7.45
C ALA C 281 1.52 24.50 -6.55
N LYS C 282 0.51 25.35 -6.49
CA LYS C 282 -0.68 25.09 -5.68
C LYS C 282 -1.47 23.90 -6.20
N ARG C 283 -1.68 23.86 -7.52
CA ARG C 283 -2.40 22.76 -8.13
C ARG C 283 -1.63 21.46 -7.98
N GLN C 284 -0.31 21.57 -7.83
CA GLN C 284 0.51 20.39 -7.71
C GLN C 284 0.29 19.72 -6.37
N VAL C 285 0.18 20.54 -5.34
CA VAL C 285 -0.01 19.99 -4.00
C VAL C 285 -1.37 19.34 -3.96
N LYS C 286 -2.36 20.07 -4.45
CA LYS C 286 -3.69 19.53 -4.49
C LYS C 286 -3.72 18.14 -5.10
N TRP C 287 -2.97 17.94 -6.19
CA TRP C 287 -2.97 16.64 -6.85
C TRP C 287 -2.33 15.57 -5.98
N ILE C 288 -1.13 15.88 -5.49
CA ILE C 288 -0.40 14.97 -4.62
C ILE C 288 -1.27 14.57 -3.43
N LYS C 289 -2.02 15.53 -2.89
CA LYS C 289 -2.90 15.29 -1.74
C LYS C 289 -4.23 14.61 -2.03
N LYS C 290 -4.88 14.99 -3.13
CA LYS C 290 -6.17 14.41 -3.50
C LYS C 290 -6.12 13.29 -4.55
N MET C 291 -5.06 13.26 -5.38
CA MET C 291 -4.94 12.23 -6.42
C MET C 291 -3.87 11.17 -6.15
N LEU C 292 -2.60 11.59 -6.09
CA LEU C 292 -1.49 10.67 -5.88
C LEU C 292 -1.59 9.83 -4.62
N ILE C 293 -1.52 10.49 -3.48
CA ILE C 293 -1.58 9.78 -2.19
C ILE C 293 -2.77 8.82 -2.08
N PRO C 294 -3.99 9.32 -2.31
CA PRO C 294 -5.17 8.44 -2.21
C PRO C 294 -5.01 7.20 -3.10
N ASP C 295 -4.40 7.37 -4.27
CA ASP C 295 -4.18 6.26 -5.20
C ASP C 295 -3.15 5.25 -4.67
N ILE C 296 -2.12 5.72 -4.01
CA ILE C 296 -1.12 4.80 -3.50
C ILE C 296 -1.37 4.43 -2.04
N LYS C 297 -2.63 4.53 -1.61
CA LYS C 297 -3.00 4.18 -0.25
C LYS C 297 -2.22 4.92 0.83
N GLY C 298 -1.49 5.94 0.43
CA GLY C 298 -0.74 6.69 1.43
C GLY C 298 0.66 6.20 1.73
N ASP C 299 1.20 5.32 0.87
CA ASP C 299 2.56 4.84 1.08
C ASP C 299 3.55 5.85 0.51
N ILE C 300 3.76 6.93 1.25
CA ILE C 300 4.65 7.99 0.81
C ILE C 300 5.39 8.58 2.01
N TYR C 301 6.53 9.21 1.76
CA TYR C 301 7.32 9.80 2.84
C TYR C 301 7.60 11.28 2.56
N LEU C 302 7.33 12.13 3.54
CA LEU C 302 7.54 13.56 3.37
C LEU C 302 8.94 13.98 3.75
N LEU C 303 9.43 15.01 3.06
CA LEU C 303 10.75 15.60 3.31
C LEU C 303 10.59 17.12 3.36
N ASP C 304 10.78 17.70 4.54
CA ASP C 304 10.62 19.14 4.71
C ASP C 304 11.77 19.96 4.13
N ALA C 305 11.50 20.66 3.04
CA ALA C 305 12.51 21.47 2.39
C ALA C 305 12.11 22.94 2.43
N THR C 306 11.41 23.30 3.48
CA THR C 306 10.97 24.66 3.67
C THR C 306 12.12 25.56 4.03
N ASP C 307 12.95 25.12 4.97
CA ASP C 307 14.11 25.87 5.42
C ASP C 307 15.39 25.36 4.76
N LEU C 308 15.68 25.89 3.57
CA LEU C 308 16.85 25.48 2.81
C LEU C 308 18.13 25.52 3.62
N SER C 309 18.23 26.46 4.55
CA SER C 309 19.44 26.57 5.35
C SER C 309 19.79 25.20 5.91
N GLN C 310 18.77 24.36 5.98
CA GLN C 310 18.94 23.00 6.46
C GLN C 310 19.12 22.06 5.28
N TRP C 311 18.01 21.54 4.76
CA TRP C 311 18.07 20.61 3.62
C TRP C 311 18.95 19.37 3.82
N ASP C 312 20.24 19.58 4.06
CA ASP C 312 21.11 18.46 4.24
C ASP C 312 20.63 17.49 5.29
N THR C 313 20.00 18.04 6.32
CA THR C 313 19.46 17.22 7.40
C THR C 313 18.05 16.72 7.10
N ASN C 314 17.13 17.66 6.90
CA ASN C 314 15.73 17.35 6.61
C ASN C 314 15.48 16.62 5.29
N ALA C 315 16.24 16.95 4.25
CA ALA C 315 16.08 16.30 2.94
C ALA C 315 17.15 15.26 2.64
N SER C 316 18.38 15.72 2.40
CA SER C 316 19.48 14.81 2.09
C SER C 316 19.53 13.58 2.96
N GLN C 317 19.91 13.77 4.21
CA GLN C 317 20.05 12.65 5.13
C GLN C 317 18.81 11.77 5.23
N ARG C 318 17.66 12.40 5.48
CA ARG C 318 16.42 11.65 5.60
C ARG C 318 16.18 10.85 4.34
N ALA C 319 16.23 11.50 3.19
CA ALA C 319 15.99 10.79 1.93
C ALA C 319 16.96 9.63 1.79
N ILE C 320 18.21 9.85 2.10
CA ILE C 320 19.19 8.78 2.01
C ILE C 320 18.82 7.67 2.98
N ALA C 321 18.51 8.04 4.22
CA ALA C 321 18.11 7.07 5.25
C ALA C 321 16.99 6.16 4.76
N ILE C 322 15.88 6.76 4.35
CA ILE C 322 14.76 6.00 3.84
C ILE C 322 15.19 5.16 2.63
N SER C 323 15.80 5.80 1.63
CA SER C 323 16.21 5.07 0.43
C SER C 323 17.15 3.91 0.72
N ASN C 324 17.99 4.10 1.73
CA ASN C 324 18.93 3.08 2.10
C ASN C 324 18.17 1.85 2.58
N ASP C 325 17.23 2.02 3.50
CA ASP C 325 16.46 0.90 3.99
C ASP C 325 15.63 0.31 2.85
N PHE C 326 15.14 1.19 1.99
CA PHE C 326 14.31 0.78 0.86
C PHE C 326 15.03 -0.19 -0.05
N ILE C 327 16.11 0.31 -0.65
CA ILE C 327 16.90 -0.49 -1.55
C ILE C 327 17.38 -1.77 -0.88
N SER C 328 17.63 -1.71 0.42
CA SER C 328 18.10 -2.89 1.15
C SER C 328 16.99 -3.90 1.33
N ASN C 329 15.91 -3.70 0.58
CA ASN C 329 14.75 -4.56 0.64
C ASN C 329 14.34 -4.81 2.09
N ARG C 330 13.97 -3.74 2.78
CA ARG C 330 13.57 -3.80 4.18
C ARG C 330 12.46 -2.79 4.46
N PRO C 331 11.62 -3.07 5.48
CA PRO C 331 10.51 -2.18 5.88
C PRO C 331 11.04 -0.88 6.50
N ILE C 332 10.71 0.23 5.86
CA ILE C 332 11.18 1.52 6.30
C ILE C 332 10.87 1.81 7.76
N LYS C 333 11.88 2.22 8.52
CA LYS C 333 11.69 2.53 9.93
C LYS C 333 11.50 4.02 10.13
N GLN C 334 11.77 4.81 9.10
CA GLN C 334 11.62 6.26 9.20
C GLN C 334 10.20 6.66 9.49
N GLU C 335 10.03 7.79 10.16
CA GLU C 335 8.72 8.28 10.55
C GLU C 335 7.71 8.59 9.47
N ARG C 336 8.11 8.56 8.21
CA ARG C 336 7.15 8.85 7.13
C ARG C 336 6.72 10.30 7.01
N ALA C 337 6.90 11.10 8.05
CA ALA C 337 6.55 12.52 8.00
C ALA C 337 6.99 13.26 9.25
N PRO C 338 7.75 14.35 9.09
CA PRO C 338 8.24 15.16 10.22
C PRO C 338 7.08 15.88 10.93
N LYS C 339 7.09 15.87 12.26
CA LYS C 339 6.03 16.50 13.06
C LYS C 339 5.36 17.70 12.39
N ALA C 340 6.18 18.60 11.86
CA ALA C 340 5.67 19.80 11.21
C ALA C 340 4.68 19.56 10.09
N LEU C 341 5.01 18.66 9.17
CA LEU C 341 4.15 18.38 8.03
C LEU C 341 3.22 17.19 8.22
N GLU C 342 3.20 16.67 9.44
CA GLU C 342 2.39 15.52 9.81
C GLU C 342 0.95 15.55 9.30
N GLU C 343 0.26 16.66 9.49
CA GLU C 343 -1.12 16.78 9.06
C GLU C 343 -1.33 16.69 7.55
N LEU C 344 -0.26 16.81 6.80
CA LEU C 344 -0.38 16.76 5.35
C LEU C 344 -0.79 15.40 4.85
N LEU C 345 -0.48 14.37 5.62
CA LEU C 345 -0.80 13.00 5.21
C LEU C 345 -2.03 12.50 5.92
N SER C 346 -2.74 13.39 6.59
CA SER C 346 -3.93 12.97 7.31
C SER C 346 -5.07 12.70 6.33
N LYS C 347 -6.04 11.90 6.76
CA LYS C 347 -7.19 11.57 5.93
C LYS C 347 -7.98 12.80 5.58
N GLY C 348 -8.04 13.73 6.52
CA GLY C 348 -8.79 14.94 6.28
C GLY C 348 -8.18 15.81 5.20
N GLU C 349 -6.87 15.76 5.09
CA GLU C 349 -6.19 16.57 4.08
C GLU C 349 -6.06 15.85 2.75
N THR C 350 -6.52 14.60 2.71
CA THR C 350 -6.39 13.79 1.50
C THR C 350 -7.69 13.18 0.99
N THR C 351 -7.84 11.86 1.14
CA THR C 351 -9.04 11.15 0.65
C THR C 351 -10.37 11.75 1.11
N MET C 352 -10.32 12.54 2.16
CA MET C 352 -11.50 13.19 2.71
C MET C 352 -12.06 14.26 1.79
N LYS C 353 -11.20 14.83 0.95
CA LYS C 353 -11.60 15.90 0.04
C LYS C 353 -12.14 15.41 -1.29
N LYS C 354 -11.90 14.15 -1.60
CA LYS C 354 -12.38 13.61 -2.85
C LYS C 354 -13.88 13.58 -2.92
N LEU C 355 -14.39 13.99 -4.07
CA LEU C 355 -15.83 14.03 -4.33
C LEU C 355 -16.39 12.62 -4.49
N ASP C 356 -17.44 12.32 -3.74
CA ASP C 356 -18.08 11.00 -3.79
C ASP C 356 -19.51 11.04 -4.31
N ASP C 357 -20.14 12.21 -4.24
CA ASP C 357 -21.51 12.39 -4.70
C ASP C 357 -21.47 12.92 -6.13
N TRP C 358 -21.96 12.14 -7.10
CA TRP C 358 -21.93 12.60 -8.48
C TRP C 358 -23.29 12.95 -9.07
N THR C 359 -24.36 12.87 -8.29
CA THR C 359 -25.70 13.19 -8.79
C THR C 359 -25.72 14.61 -9.36
N HIS C 360 -26.22 14.77 -10.58
CA HIS C 360 -26.26 16.10 -11.21
C HIS C 360 -27.49 16.91 -10.78
N TYR C 361 -27.40 18.22 -10.93
CA TYR C 361 -28.50 19.10 -10.57
C TYR C 361 -28.47 20.24 -11.56
N THR C 362 -29.61 20.60 -12.14
CA THR C 362 -29.62 21.69 -13.10
C THR C 362 -30.46 22.86 -12.62
N CYS C 363 -29.82 23.97 -12.25
CA CYS C 363 -30.58 25.14 -11.81
C CYS C 363 -31.35 25.71 -13.01
N ASN C 364 -32.68 25.55 -12.98
CA ASN C 364 -33.56 26.04 -14.06
C ASN C 364 -33.72 27.56 -14.09
N VAL C 365 -33.01 28.25 -13.20
CA VAL C 365 -33.10 29.69 -13.12
C VAL C 365 -31.77 30.36 -13.53
N CYS C 366 -30.65 29.75 -13.16
CA CYS C 366 -29.33 30.30 -13.52
C CYS C 366 -28.78 29.75 -14.82
N ARG C 367 -28.07 30.59 -15.56
CA ARG C 367 -27.47 30.19 -16.82
C ARG C 367 -26.18 30.96 -17.08
N ASN C 368 -25.21 30.27 -17.69
CA ASN C 368 -23.91 30.85 -17.99
C ASN C 368 -23.85 31.60 -19.30
N ALA C 369 -22.74 32.30 -19.49
CA ALA C 369 -22.53 33.09 -20.70
C ALA C 369 -22.68 32.30 -21.99
N ASP C 370 -22.54 30.98 -21.91
CA ASP C 370 -22.68 30.15 -23.09
C ASP C 370 -24.14 29.81 -23.33
N GLY C 371 -25.02 30.34 -22.46
CA GLY C 371 -26.44 30.08 -22.61
C GLY C 371 -26.99 28.91 -21.83
N LYS C 372 -26.17 27.86 -21.70
CA LYS C 372 -26.53 26.67 -20.97
C LYS C 372 -26.88 26.97 -19.51
N ASN C 373 -27.75 26.14 -18.93
CA ASN C 373 -28.16 26.32 -17.55
C ASN C 373 -27.10 25.70 -16.64
N VAL C 374 -26.81 26.36 -15.52
CA VAL C 374 -25.83 25.85 -14.56
C VAL C 374 -26.19 24.46 -14.07
N VAL C 375 -25.19 23.57 -13.98
CA VAL C 375 -25.40 22.21 -13.50
C VAL C 375 -24.34 21.87 -12.47
N ALA C 376 -24.76 21.65 -11.23
CA ALA C 376 -23.84 21.33 -10.14
C ALA C 376 -23.70 19.81 -9.97
N ILE C 377 -22.57 19.38 -9.41
CA ILE C 377 -22.35 17.97 -9.20
C ILE C 377 -22.12 17.72 -7.73
N GLY C 378 -22.97 16.89 -7.14
CA GLY C 378 -22.85 16.58 -5.72
C GLY C 378 -23.74 17.49 -4.90
N GLU C 379 -24.57 16.89 -4.04
CA GLU C 379 -25.48 17.66 -3.20
C GLU C 379 -24.78 18.79 -2.45
N LYS C 380 -23.61 18.52 -1.91
CA LYS C 380 -22.85 19.54 -1.18
C LYS C 380 -22.67 20.82 -1.97
N TYR C 381 -22.21 20.66 -3.20
CA TYR C 381 -21.96 21.79 -4.06
C TYR C 381 -23.24 22.31 -4.69
N TRP C 382 -24.23 21.44 -4.85
CA TRP C 382 -25.50 21.86 -5.42
C TRP C 382 -26.09 22.93 -4.52
N LYS C 383 -25.88 22.76 -3.23
CA LYS C 383 -26.38 23.70 -2.25
C LYS C 383 -25.50 24.94 -2.25
N ILE C 384 -24.18 24.74 -2.34
CA ILE C 384 -23.29 25.88 -2.34
C ILE C 384 -23.77 26.87 -3.37
N HIS C 385 -24.25 26.32 -4.48
CA HIS C 385 -24.75 27.13 -5.56
C HIS C 385 -26.03 27.84 -5.23
N LEU C 386 -26.96 27.11 -4.63
CA LEU C 386 -28.23 27.67 -4.25
C LEU C 386 -28.05 28.86 -3.31
N GLY C 387 -27.03 28.84 -2.48
CA GLY C 387 -26.84 29.94 -1.56
C GLY C 387 -25.91 30.99 -2.10
N SER C 388 -25.46 30.80 -3.34
CA SER C 388 -24.55 31.74 -3.96
C SER C 388 -25.28 33.02 -4.32
N ARG C 389 -24.57 34.13 -4.21
CA ARG C 389 -25.13 35.43 -4.53
C ARG C 389 -25.60 35.41 -5.97
N ARG C 390 -24.92 34.61 -6.79
CA ARG C 390 -25.27 34.50 -8.20
C ARG C 390 -26.72 34.03 -8.33
N HIS C 391 -27.00 32.89 -7.70
CA HIS C 391 -28.31 32.29 -7.70
C HIS C 391 -29.30 33.23 -7.02
N LYS C 392 -28.91 33.77 -5.87
CA LYS C 392 -29.78 34.69 -5.13
C LYS C 392 -30.24 35.89 -5.97
N SER C 393 -29.27 36.69 -6.39
CA SER C 393 -29.52 37.88 -7.21
C SER C 393 -30.41 37.56 -8.40
N ASN C 394 -30.20 36.39 -8.96
CA ASN C 394 -30.98 35.96 -10.11
C ASN C 394 -32.37 35.49 -9.69
N LEU C 395 -32.49 34.91 -8.51
CA LEU C 395 -33.78 34.42 -8.04
C LEU C 395 -34.66 35.58 -7.67
N LYS C 396 -34.02 36.69 -7.32
CA LYS C 396 -34.76 37.88 -6.94
C LYS C 396 -35.34 38.58 -8.15
N ARG C 397 -34.52 38.83 -9.16
CA ARG C 397 -34.98 39.51 -10.37
C ARG C 397 -36.09 38.70 -11.01
N ASN C 398 -35.99 37.39 -10.84
CA ASN C 398 -36.97 36.49 -11.41
C ASN C 398 -38.30 36.62 -10.69
N THR C 399 -38.24 36.73 -9.37
CA THR C 399 -39.45 36.87 -8.56
C THR C 399 -40.12 38.21 -8.77
N ARG C 400 -39.31 39.27 -8.80
CA ARG C 400 -39.83 40.61 -9.02
C ARG C 400 -40.54 40.72 -10.36
N GLN C 401 -39.94 40.11 -11.38
CA GLN C 401 -40.53 40.14 -12.72
C GLN C 401 -41.85 39.39 -12.71
N ALA C 402 -41.89 38.28 -11.98
CA ALA C 402 -43.09 37.46 -11.88
C ALA C 402 -44.13 38.16 -11.00
N ASP C 403 -43.66 38.98 -10.07
CA ASP C 403 -44.52 39.72 -9.15
C ASP C 403 -45.19 40.94 -9.79
N PHE C 404 -44.43 41.67 -10.60
CA PHE C 404 -44.95 42.86 -11.27
C PHE C 404 -46.30 42.55 -11.90
N GLU C 405 -46.45 41.33 -12.41
CA GLU C 405 -47.69 40.89 -13.04
C GLU C 405 -48.75 40.61 -11.99
N LYS C 406 -48.33 40.05 -10.86
CA LYS C 406 -49.25 39.75 -9.77
C LYS C 406 -49.98 41.03 -9.39
N TRP C 407 -49.22 42.12 -9.34
CA TRP C 407 -49.75 43.43 -9.00
C TRP C 407 -50.74 43.91 -10.05
N LYS C 408 -50.40 43.70 -11.32
CA LYS C 408 -51.25 44.11 -12.44
C LYS C 408 -52.68 43.53 -12.34
N ILE C 409 -52.77 42.31 -11.80
CA ILE C 409 -54.05 41.63 -11.62
C ILE C 409 -54.78 42.12 -10.36
#